data_5Z23
#
_entry.id   5Z23
#
_cell.length_a   99.641
_cell.length_b   100.745
_cell.length_c   173.431
_cell.angle_alpha   90.000
_cell.angle_beta   90.000
_cell.angle_gamma   90.000
#
_symmetry.space_group_name_H-M   'P 21 21 21'
#
loop_
_entity.id
_entity.type
_entity.pdbx_description
1 polymer 'Histone H3.1,Histone H3-like centromeric protein A,Histone H3.1'
2 polymer 'Histone H4'
3 polymer 'Histone H2A type 1-B/E'
4 polymer 'Histone H2B type 1-J'
5 polymer 'DNA (146-MER)'
#
loop_
_entity_poly.entity_id
_entity_poly.type
_entity_poly.pdbx_seq_one_letter_code
_entity_poly.pdbx_strand_id
1 'polypeptide(L)'
;GSHMARTKQTARKSTGGKAPRKQLATKAARKSAPATGGVKKPHRYRPGTVALREIRRYQKSTELLIRKLPFQRLVREICV
KFTRGVDFNWQAQALLALQEAAEAFLVHLFEDAYLLTLHAKRVTIMPKDIQLARRIRGERA
;
A,E
2 'polypeptide(L)'
;GSHMSGRGKGGKGLGKGGAKRHRKVLRDNIQGITKPAIRRLARRGGVKRISGLIYEETRGVLKVFLENVIRDAVTYTEHA
KRKTVTAMDVVYALKRQGRTLYGFGG
;
B,F
3 'polypeptide(L)'
;GSH(MSE)SGRGKQGGKARAKAKTRSSRAGLQFPVGRVHRLLRKGNYSERVGAGAPVY(MSE)AAVLEY(MSE)TAEILE
LAGNAARDNKKTRIIPRHLQLAIRNDEE(MSE)NKLLGRVTIAQGGVLPNIQAVLLPKKTESHHKAKGKQLAIRNDEE
(MSE)NKLLGRVTIAQGGVLPNIQAVLLP
;
C,G
4 'polypeptide(L)'
;GSH(MSE)PEPAKSAPAPKKGSKKAVTKAQKKDGKKRKRSRKESYSIYVYKVLKQVHPDTGISSKA(MSE)GI(MSE)NS
FVNDIFERIAGEASRLAHYNKRSTITSREIQTAVRLLLPGELAKHAVSEGTKAVTKYTSAK
;
D,H
5 'polydeoxyribonucleotide'
;(DA)(DT)(DC)(DA)(DA)(DT)(DA)(DT)(DC)(DC)(DA)(DC)(DC)(DT)(DG)(DC)(DA)(DG)(DA)(DT)
(DT)(DC)(DT)(DA)(DC)(DC)(DA)(DA)(DA)(DA)(DG)(DT)(DG)(DT)(DA)(DT)(DT)(DT)(DG)(DG)
(DA)(DA)(DA)(DC)(DT)(DG)(DC)(DT)(DC)(DC)(DA)(DT)(DC)(DA)(DA)(DA)(DA)(DG)(DG)(DC)
(DA)(DT)(DG)(DT)(DT)(DC)(DA)(DG)(DC)(DT)(DG)(DA)(DA)(DT)(DT)(DC)(DA)(DG)(DC)(DT)
(DG)(DA)(DA)(DC)(DA)(DT)(DG)(DC)(DC)(DT)(DT)(DT)(DT)(DG)(DA)(DT)(DG)(DG)(DA)(DG)
(DC)(DA)(DG)(DT)(DT)(DT)(DC)(DC)(DA)(DA)(DA)(DT)(DA)(DC)(DA)(DC)(DT)(DT)(DT)(DT)
(DG)(DG)(DT)(DA)(DG)(DA)(DA)(DT)(DC)(DT)(DG)(DC)(DA)(DG)(DG)(DT)(DG)(DG)(DA)(DT)
(DA)(DT)(DT)(DG)(DA)(DT)
;
I,J
#
loop_
_chem_comp.id
_chem_comp.type
_chem_comp.name
_chem_comp.formula
DA DNA linking 2'-DEOXYADENOSINE-5'-MONOPHOSPHATE 'C10 H14 N5 O6 P'
DC DNA linking 2'-DEOXYCYTIDINE-5'-MONOPHOSPHATE 'C9 H14 N3 O7 P'
DG DNA linking 2'-DEOXYGUANOSINE-5'-MONOPHOSPHATE 'C10 H14 N5 O7 P'
DT DNA linking THYMIDINE-5'-MONOPHOSPHATE 'C10 H15 N2 O8 P'
#
# COMPACT_ATOMS: atom_id res chain seq x y z
N PRO A 42 -21.76 -26.34 -44.29
CA PRO A 42 -21.32 -26.67 -42.92
C PRO A 42 -21.10 -25.40 -42.07
N HIS A 43 -21.64 -25.37 -40.84
CA HIS A 43 -21.68 -24.16 -40.04
C HIS A 43 -20.35 -23.88 -39.34
N ARG A 44 -19.92 -22.62 -39.39
CA ARG A 44 -18.67 -22.26 -38.74
C ARG A 44 -18.67 -20.79 -38.34
N TYR A 45 -18.30 -20.51 -37.10
CA TYR A 45 -18.30 -19.14 -36.59
C TYR A 45 -17.04 -18.39 -37.00
N ARG A 46 -17.19 -17.08 -37.16
CA ARG A 46 -16.05 -16.25 -37.52
C ARG A 46 -15.10 -16.11 -36.32
N PRO A 47 -13.80 -16.07 -36.55
CA PRO A 47 -12.88 -15.84 -35.44
C PRO A 47 -13.30 -14.59 -34.69
N GLY A 48 -13.43 -14.74 -33.36
CA GLY A 48 -13.83 -13.66 -32.48
C GLY A 48 -15.24 -13.82 -31.93
N THR A 49 -16.12 -14.52 -32.65
CA THR A 49 -17.48 -14.70 -32.15
C THR A 49 -17.52 -15.60 -30.92
N VAL A 50 -16.83 -16.75 -31.01
CA VAL A 50 -16.75 -17.68 -29.89
C VAL A 50 -15.96 -17.07 -28.74
N ALA A 51 -14.89 -16.33 -29.06
CA ALA A 51 -14.08 -15.70 -28.03
C ALA A 51 -14.91 -14.71 -27.23
N LEU A 52 -15.74 -13.90 -27.91
CA LEU A 52 -16.66 -13.02 -27.19
C LEU A 52 -17.67 -13.82 -26.38
N ARG A 53 -18.16 -14.92 -26.95
CA ARG A 53 -19.11 -15.72 -26.20
C ARG A 53 -18.47 -16.25 -24.92
N GLU A 54 -17.19 -16.64 -25.01
CA GLU A 54 -16.48 -17.13 -23.84
C GLU A 54 -16.23 -16.01 -22.84
N ILE A 55 -15.91 -14.81 -23.32
CA ILE A 55 -15.72 -13.71 -22.38
C ILE A 55 -17.00 -13.50 -21.59
N ARG A 56 -18.14 -13.50 -22.28
CA ARG A 56 -19.40 -13.30 -21.55
C ARG A 56 -19.66 -14.43 -20.56
N ARG A 57 -19.46 -15.67 -21.00
CA ARG A 57 -19.66 -16.83 -20.12
C ARG A 57 -18.83 -16.70 -18.85
N TYR A 58 -17.53 -16.50 -18.99
CA TYR A 58 -16.65 -16.54 -17.83
C TYR A 58 -16.67 -15.26 -17.01
N GLN A 59 -17.15 -14.15 -17.57
CA GLN A 59 -17.35 -13.01 -16.71
C GLN A 59 -18.65 -13.11 -15.94
N LYS A 60 -19.56 -13.98 -16.38
CA LYS A 60 -20.77 -14.24 -15.62
C LYS A 60 -20.56 -15.27 -14.51
N SER A 61 -19.46 -16.02 -14.50
CA SER A 61 -19.28 -17.09 -13.55
C SER A 61 -18.24 -16.73 -12.49
N THR A 62 -18.21 -17.56 -11.45
CA THR A 62 -17.34 -17.40 -10.29
C THR A 62 -16.48 -18.61 -9.96
N GLU A 63 -16.71 -19.72 -10.62
CA GLU A 63 -15.93 -20.93 -10.44
C GLU A 63 -14.44 -20.67 -10.62
N LEU A 64 -13.64 -21.45 -9.90
CA LEU A 64 -12.21 -21.51 -10.17
C LEU A 64 -11.98 -22.08 -11.56
N LEU A 65 -11.02 -21.51 -12.29
CA LEU A 65 -10.79 -21.82 -13.69
C LEU A 65 -9.55 -22.65 -13.95
N ILE A 66 -8.66 -22.80 -13.00
CA ILE A 66 -7.56 -23.76 -13.10
C ILE A 66 -8.04 -25.02 -12.40
N ARG A 67 -7.73 -26.20 -12.93
CA ARG A 67 -8.29 -27.35 -12.25
C ARG A 67 -7.47 -27.65 -11.00
N LYS A 68 -8.20 -28.05 -9.96
CA LYS A 68 -7.73 -28.10 -8.58
C LYS A 68 -6.44 -28.91 -8.43
N LEU A 69 -6.41 -30.11 -8.97
CA LEU A 69 -5.28 -30.95 -8.65
C LEU A 69 -3.97 -30.46 -9.26
N PRO A 70 -3.92 -30.02 -10.54
CA PRO A 70 -2.64 -29.46 -11.05
C PRO A 70 -2.16 -28.28 -10.23
N PHE A 71 -3.07 -27.40 -9.83
CA PHE A 71 -2.70 -26.23 -9.03
C PHE A 71 -2.14 -26.63 -7.68
N GLN A 72 -2.83 -27.54 -6.99
CA GLN A 72 -2.34 -27.94 -5.68
C GLN A 72 -1.04 -28.71 -5.77
N ARG A 73 -0.85 -29.47 -6.84
CA ARG A 73 0.42 -30.15 -7.03
C ARG A 73 1.54 -29.14 -7.24
N LEU A 74 1.26 -28.09 -8.02
CA LEU A 74 2.23 -26.99 -8.18
C LEU A 74 2.57 -26.33 -6.84
N VAL A 75 1.55 -26.03 -6.02
CA VAL A 75 1.80 -25.39 -4.73
C VAL A 75 2.64 -26.28 -3.84
N ARG A 76 2.30 -27.57 -3.76
CA ARG A 76 3.08 -28.47 -2.91
C ARG A 76 4.51 -28.62 -3.44
N GLU A 77 4.69 -28.58 -4.76
CA GLU A 77 6.05 -28.63 -5.29
C GLU A 77 6.83 -27.39 -4.87
N ILE A 78 6.23 -26.21 -5.05
CA ILE A 78 6.87 -24.94 -4.68
C ILE A 78 7.17 -24.89 -3.19
N CYS A 79 6.25 -25.39 -2.37
CA CYS A 79 6.43 -25.37 -0.93
C CYS A 79 7.54 -26.32 -0.48
N VAL A 80 7.56 -27.53 -1.03
CA VAL A 80 8.62 -28.47 -0.69
C VAL A 80 9.95 -27.91 -1.12
N LYS A 81 9.97 -27.21 -2.27
CA LYS A 81 11.19 -26.58 -2.74
C LYS A 81 11.65 -25.52 -1.75
N PHE A 82 10.71 -24.74 -1.22
CA PHE A 82 11.13 -23.65 -0.36
C PHE A 82 11.57 -24.14 1.00
N THR A 83 10.85 -25.12 1.59
CA THR A 83 11.22 -25.67 2.90
C THR A 83 12.52 -26.46 2.85
N ARG A 84 13.10 -26.58 1.65
CA ARG A 84 14.37 -27.25 1.43
C ARG A 84 14.38 -28.68 2.00
N GLY A 85 13.22 -29.35 1.94
CA GLY A 85 13.13 -30.76 2.28
C GLY A 85 12.26 -31.08 3.47
N VAL A 86 11.84 -30.07 4.25
CA VAL A 86 10.81 -30.28 5.27
C VAL A 86 9.51 -30.23 4.50
N ASP A 87 8.53 -31.05 4.89
CA ASP A 87 7.29 -31.06 4.15
C ASP A 87 6.17 -30.71 5.13
N PHE A 88 5.31 -29.80 4.70
CA PHE A 88 4.20 -29.28 5.50
C PHE A 88 2.90 -29.76 4.89
N ASN A 89 1.92 -29.95 5.74
CA ASN A 89 0.62 -30.23 5.16
C ASN A 89 -0.20 -28.93 5.00
N TRP A 90 -1.25 -29.03 4.20
CA TRP A 90 -2.03 -27.88 3.76
C TRP A 90 -3.49 -28.16 4.11
N GLN A 91 -4.08 -27.31 4.96
CA GLN A 91 -5.53 -27.35 5.12
C GLN A 91 -6.19 -27.25 3.76
N ALA A 92 -7.30 -27.96 3.57
CA ALA A 92 -8.02 -27.78 2.31
C ALA A 92 -8.32 -26.30 2.06
N GLN A 93 -8.79 -25.61 3.09
CA GLN A 93 -9.09 -24.19 2.93
C GLN A 93 -7.84 -23.35 2.58
N ALA A 94 -6.65 -23.73 3.05
CA ALA A 94 -5.46 -22.97 2.66
C ALA A 94 -5.22 -23.07 1.16
N LEU A 95 -5.32 -24.28 0.60
CA LEU A 95 -5.12 -24.47 -0.84
C LEU A 95 -6.18 -23.74 -1.63
N LEU A 96 -7.42 -23.75 -1.13
CA LEU A 96 -8.47 -23.07 -1.87
C LEU A 96 -8.36 -21.55 -1.74
N ALA A 97 -7.89 -21.04 -0.61
CA ALA A 97 -7.64 -19.61 -0.47
C ALA A 97 -6.51 -19.17 -1.39
N LEU A 98 -5.44 -19.95 -1.41
CA LEU A 98 -4.36 -19.62 -2.30
C LEU A 98 -4.82 -19.65 -3.76
N GLN A 99 -5.70 -20.58 -4.12
CA GLN A 99 -6.12 -20.61 -5.52
C GLN A 99 -7.06 -19.45 -5.85
N GLU A 100 -8.00 -19.12 -4.94
CA GLU A 100 -8.82 -17.94 -5.13
C GLU A 100 -7.97 -16.70 -5.37
N ALA A 101 -6.94 -16.51 -4.55
CA ALA A 101 -6.12 -15.31 -4.68
C ALA A 101 -5.29 -15.33 -5.96
N ALA A 102 -4.66 -16.45 -6.29
CA ALA A 102 -3.86 -16.51 -7.51
C ALA A 102 -4.73 -16.28 -8.74
N GLU A 103 -5.95 -16.78 -8.72
CA GLU A 103 -6.78 -16.55 -9.89
C GLU A 103 -7.24 -15.11 -9.98
N ALA A 104 -7.62 -14.50 -8.85
CA ALA A 104 -7.98 -13.08 -8.88
C ALA A 104 -6.80 -12.24 -9.36
N PHE A 105 -5.59 -12.59 -8.92
CA PHE A 105 -4.39 -11.90 -9.35
C PHE A 105 -4.17 -12.02 -10.86
N LEU A 106 -4.28 -13.24 -11.41
CA LEU A 106 -4.07 -13.42 -12.84
C LEU A 106 -5.14 -12.70 -13.66
N VAL A 107 -6.40 -12.75 -13.19
CA VAL A 107 -7.48 -12.08 -13.91
C VAL A 107 -7.24 -10.57 -13.93
N HIS A 108 -6.80 -9.99 -12.81
CA HIS A 108 -6.64 -8.54 -12.83
C HIS A 108 -5.42 -8.13 -13.64
N LEU A 109 -4.35 -8.94 -13.59
CA LEU A 109 -3.20 -8.71 -14.48
C LEU A 109 -3.63 -8.74 -15.94
N PHE A 110 -4.55 -9.64 -16.29
CA PHE A 110 -5.03 -9.71 -17.67
C PHE A 110 -5.82 -8.46 -18.03
N GLU A 111 -6.68 -7.97 -17.14
CA GLU A 111 -7.42 -6.74 -17.42
C GLU A 111 -6.44 -5.60 -17.70
N ASP A 112 -5.48 -5.39 -16.80
CA ASP A 112 -4.56 -4.26 -16.95
C ASP A 112 -3.71 -4.39 -18.20
N ALA A 113 -3.07 -5.55 -18.37
CA ALA A 113 -2.27 -5.74 -19.56
C ALA A 113 -3.11 -5.52 -20.81
N TYR A 114 -4.41 -5.86 -20.77
CA TYR A 114 -5.21 -5.74 -21.98
C TYR A 114 -5.52 -4.27 -22.26
N LEU A 115 -5.65 -3.48 -21.21
CA LEU A 115 -5.71 -2.04 -21.43
C LEU A 115 -4.48 -1.58 -22.22
N LEU A 116 -3.29 -2.12 -21.87
CA LEU A 116 -2.10 -1.74 -22.64
C LEU A 116 -2.18 -2.25 -24.07
N THR A 117 -2.71 -3.47 -24.25
CA THR A 117 -2.92 -4.00 -25.59
C THR A 117 -3.78 -3.07 -26.42
N LEU A 118 -4.96 -2.70 -25.91
CA LEU A 118 -5.80 -1.79 -26.67
C LEU A 118 -5.12 -0.46 -26.95
N HIS A 119 -4.30 0.01 -25.99
CA HIS A 119 -3.55 1.26 -26.13
C HIS A 119 -2.58 1.23 -27.31
N ALA A 120 -1.97 0.06 -27.55
CA ALA A 120 -1.14 -0.11 -28.73
C ALA A 120 -1.97 -0.35 -29.99
N LYS A 121 -3.27 -0.12 -29.90
CA LYS A 121 -4.20 -0.36 -31.00
C LYS A 121 -4.05 -1.78 -31.54
N ARG A 122 -3.88 -2.74 -30.63
CA ARG A 122 -3.94 -4.16 -30.91
C ARG A 122 -5.18 -4.76 -30.26
N VAL A 123 -5.49 -6.00 -30.63
CA VAL A 123 -6.49 -6.80 -29.91
C VAL A 123 -5.87 -8.07 -29.34
N THR A 124 -4.61 -8.35 -29.62
CA THR A 124 -3.97 -9.59 -29.22
C THR A 124 -3.08 -9.29 -28.04
N ILE A 125 -3.47 -9.73 -26.84
CA ILE A 125 -2.59 -9.62 -25.68
C ILE A 125 -1.28 -10.33 -25.97
N MET A 126 -0.17 -9.72 -25.58
CA MET A 126 1.16 -10.28 -25.79
C MET A 126 1.99 -10.14 -24.53
N PRO A 127 3.08 -10.91 -24.42
CA PRO A 127 3.93 -10.83 -23.23
C PRO A 127 4.41 -9.42 -22.85
N LYS A 128 4.74 -8.56 -23.81
CA LYS A 128 5.19 -7.22 -23.47
C LYS A 128 4.08 -6.41 -22.79
N ASP A 129 2.80 -6.68 -23.11
CA ASP A 129 1.72 -6.07 -22.36
C ASP A 129 1.76 -6.50 -20.88
N ILE A 130 1.98 -7.78 -20.63
CA ILE A 130 2.03 -8.21 -19.24
C ILE A 130 3.24 -7.62 -18.55
N GLN A 131 4.41 -7.65 -19.20
CA GLN A 131 5.63 -7.12 -18.61
C GLN A 131 5.51 -5.64 -18.28
N LEU A 132 4.89 -4.85 -19.16
CA LEU A 132 4.76 -3.42 -18.89
C LEU A 132 3.74 -3.15 -17.79
N ALA A 133 2.61 -3.87 -17.82
CA ALA A 133 1.62 -3.74 -16.76
C ALA A 133 2.25 -4.04 -15.41
N ARG A 134 3.07 -5.08 -15.35
CA ARG A 134 3.73 -5.38 -14.09
C ARG A 134 4.71 -4.28 -13.70
N ARG A 135 5.50 -3.76 -14.64
CA ARG A 135 6.43 -2.70 -14.29
C ARG A 135 5.71 -1.46 -13.75
N ILE A 136 4.52 -1.17 -14.29
CA ILE A 136 3.81 0.05 -13.88
C ILE A 136 3.04 -0.12 -12.57
N ARG A 137 2.49 -1.30 -12.30
CA ARG A 137 1.82 -1.49 -11.00
C ARG A 137 2.81 -1.38 -9.85
N GLY A 138 4.08 -1.70 -10.08
CA GLY A 138 5.10 -1.81 -9.06
C GLY A 138 5.62 -3.23 -8.85
N GLU A 139 4.95 -4.24 -9.38
CA GLU A 139 5.37 -5.63 -9.26
C GLU A 139 6.52 -5.91 -10.24
N ARG A 140 7.70 -6.22 -9.74
CA ARG A 140 8.81 -6.57 -10.64
C ARG A 140 9.62 -7.77 -10.12
N ARG B 27 6.26 -35.23 -17.44
CA ARG B 27 5.61 -33.91 -17.35
C ARG B 27 6.36 -32.95 -16.40
N ASP B 28 5.91 -31.69 -16.35
CA ASP B 28 6.37 -30.66 -15.42
C ASP B 28 5.15 -30.15 -14.67
N ASN B 29 5.33 -29.81 -13.39
CA ASN B 29 4.16 -29.43 -12.59
C ASN B 29 3.54 -28.13 -13.07
N ILE B 30 4.39 -27.16 -13.45
CA ILE B 30 3.87 -25.90 -13.97
C ILE B 30 3.11 -26.10 -15.27
N GLN B 31 3.49 -27.13 -16.05
CA GLN B 31 2.77 -27.38 -17.28
C GLN B 31 1.37 -27.91 -17.02
N GLY B 32 1.07 -28.38 -15.81
CA GLY B 32 -0.29 -28.76 -15.50
C GLY B 32 -1.28 -27.63 -15.56
N ILE B 33 -0.80 -26.38 -15.49
CA ILE B 33 -1.57 -25.16 -15.77
C ILE B 33 -1.62 -25.03 -17.30
N THR B 34 -2.70 -25.49 -17.91
CA THR B 34 -2.78 -25.78 -19.34
C THR B 34 -3.21 -24.57 -20.15
N LYS B 35 -2.97 -24.64 -21.51
CA LYS B 35 -3.57 -23.61 -22.35
C LYS B 35 -5.01 -23.26 -22.03
N PRO B 36 -5.96 -24.20 -22.11
CA PRO B 36 -7.35 -23.77 -21.96
C PRO B 36 -7.62 -23.08 -20.63
N ALA B 37 -6.97 -23.48 -19.54
CA ALA B 37 -7.16 -22.79 -18.27
C ALA B 37 -6.73 -21.33 -18.36
N ILE B 38 -5.54 -21.09 -18.92
CA ILE B 38 -5.05 -19.72 -19.04
C ILE B 38 -5.94 -18.92 -19.97
N ARG B 39 -6.53 -19.56 -20.99
CA ARG B 39 -7.46 -18.81 -21.83
C ARG B 39 -8.75 -18.50 -21.09
N ARG B 40 -9.17 -19.37 -20.17
CA ARG B 40 -10.39 -19.05 -19.43
C ARG B 40 -10.14 -17.87 -18.51
N LEU B 41 -8.97 -17.86 -17.87
CA LEU B 41 -8.57 -16.71 -17.05
C LEU B 41 -8.55 -15.42 -17.87
N ALA B 42 -7.91 -15.44 -19.04
CA ALA B 42 -7.90 -14.27 -19.90
C ALA B 42 -9.31 -13.88 -20.35
N ARG B 43 -10.19 -14.87 -20.55
CA ARG B 43 -11.55 -14.54 -20.95
C ARG B 43 -12.26 -13.83 -19.82
N ARG B 44 -12.08 -14.30 -18.58
CA ARG B 44 -12.64 -13.55 -17.46
C ARG B 44 -12.10 -12.14 -17.43
N GLY B 45 -10.80 -11.98 -17.76
CA GLY B 45 -10.19 -10.68 -17.92
C GLY B 45 -10.57 -9.95 -19.21
N GLY B 46 -11.53 -10.49 -19.98
CA GLY B 46 -12.02 -9.77 -21.12
C GLY B 46 -11.09 -9.76 -22.32
N VAL B 47 -10.12 -10.67 -22.36
CA VAL B 47 -9.20 -10.77 -23.48
C VAL B 47 -9.85 -11.53 -24.64
N LYS B 48 -9.86 -10.91 -25.82
CA LYS B 48 -10.55 -11.45 -26.98
C LYS B 48 -9.62 -12.31 -27.86
N ARG B 49 -8.36 -11.95 -27.95
CA ARG B 49 -7.39 -12.67 -28.76
C ARG B 49 -6.07 -12.80 -27.99
N ILE B 50 -5.48 -13.99 -28.00
CA ILE B 50 -4.34 -14.33 -27.15
C ILE B 50 -3.17 -14.76 -28.03
N SER B 51 -2.00 -14.18 -27.80
CA SER B 51 -0.82 -14.67 -28.50
C SER B 51 -0.32 -15.99 -27.91
N GLY B 52 0.18 -16.87 -28.78
CA GLY B 52 0.68 -18.16 -28.34
C GLY B 52 1.85 -18.08 -27.37
N LEU B 53 2.53 -16.95 -27.29
CA LEU B 53 3.58 -16.84 -26.29
C LEU B 53 3.05 -16.51 -24.90
N ILE B 54 1.75 -16.23 -24.76
CA ILE B 54 1.24 -15.72 -23.48
C ILE B 54 1.34 -16.80 -22.41
N TYR B 55 1.10 -18.07 -22.79
CA TYR B 55 0.95 -19.11 -21.77
C TYR B 55 2.26 -19.30 -20.98
N GLU B 56 3.42 -19.27 -21.65
CA GLU B 56 4.63 -19.46 -20.86
C GLU B 56 4.95 -18.24 -20.00
N GLU B 57 4.62 -17.05 -20.48
CA GLU B 57 4.75 -15.87 -19.64
C GLU B 57 3.86 -15.96 -18.40
N THR B 58 2.62 -16.45 -18.58
CA THR B 58 1.70 -16.53 -17.45
C THR B 58 2.17 -17.54 -16.43
N ARG B 59 2.75 -18.65 -16.89
CA ARG B 59 3.30 -19.62 -15.94
C ARG B 59 4.46 -18.99 -15.17
N GLY B 60 5.29 -18.20 -15.86
CA GLY B 60 6.35 -17.51 -15.14
C GLY B 60 5.82 -16.59 -14.06
N VAL B 61 4.81 -15.78 -14.40
CA VAL B 61 4.23 -14.81 -13.47
C VAL B 61 3.56 -15.52 -12.30
N LEU B 62 2.76 -16.55 -12.60
CA LEU B 62 2.07 -17.31 -11.56
C LEU B 62 3.07 -17.99 -10.63
N LYS B 63 4.15 -18.51 -11.19
CA LYS B 63 5.18 -19.11 -10.35
C LYS B 63 5.76 -18.09 -9.40
N VAL B 64 6.07 -16.88 -9.91
CA VAL B 64 6.66 -15.87 -9.03
C VAL B 64 5.68 -15.51 -7.91
N PHE B 65 4.42 -15.29 -8.27
CA PHE B 65 3.39 -14.98 -7.28
C PHE B 65 3.29 -16.06 -6.22
N LEU B 66 3.13 -17.31 -6.64
CA LEU B 66 2.97 -18.40 -5.68
C LEU B 66 4.21 -18.56 -4.80
N GLU B 67 5.40 -18.36 -5.38
CA GLU B 67 6.61 -18.48 -4.58
C GLU B 67 6.59 -17.48 -3.43
N ASN B 68 6.28 -16.21 -3.73
CA ASN B 68 6.29 -15.21 -2.65
C ASN B 68 5.22 -15.51 -1.61
N VAL B 69 4.00 -15.77 -2.07
CA VAL B 69 2.91 -16.00 -1.13
C VAL B 69 3.17 -17.23 -0.28
N ILE B 70 3.71 -18.31 -0.88
CA ILE B 70 3.95 -19.54 -0.12
C ILE B 70 5.12 -19.38 0.84
N ARG B 71 6.21 -18.73 0.42
CA ARG B 71 7.29 -18.44 1.35
C ARG B 71 6.76 -17.74 2.58
N ASP B 72 6.01 -16.64 2.41
CA ASP B 72 5.53 -15.93 3.59
C ASP B 72 4.52 -16.76 4.41
N ALA B 73 3.67 -17.51 3.75
CA ALA B 73 2.68 -18.26 4.50
C ALA B 73 3.36 -19.32 5.37
N VAL B 74 4.36 -19.99 4.81
CA VAL B 74 5.11 -20.99 5.56
C VAL B 74 5.91 -20.32 6.68
N THR B 75 6.43 -19.12 6.44
CA THR B 75 7.07 -18.38 7.52
C THR B 75 6.12 -18.19 8.68
N TYR B 76 4.86 -17.83 8.39
CA TYR B 76 3.85 -17.63 9.44
C TYR B 76 3.51 -18.94 10.14
N THR B 77 3.34 -20.01 9.39
CA THR B 77 3.03 -21.30 9.99
C THR B 77 4.14 -21.68 10.95
N GLU B 78 5.36 -21.59 10.46
CA GLU B 78 6.53 -22.06 11.16
C GLU B 78 6.87 -21.17 12.35
N HIS B 79 6.36 -19.94 12.38
CA HIS B 79 6.43 -19.18 13.62
C HIS B 79 5.51 -19.75 14.69
N ALA B 80 4.38 -20.34 14.28
CA ALA B 80 3.42 -20.89 15.23
C ALA B 80 3.77 -22.30 15.69
N LYS B 81 4.91 -22.84 15.28
CA LYS B 81 5.28 -24.23 15.57
C LYS B 81 4.16 -25.18 15.18
N ARG B 82 3.66 -25.00 13.96
CA ARG B 82 2.72 -25.93 13.34
C ARG B 82 3.42 -26.54 12.15
N LYS B 83 2.82 -27.62 11.62
CA LYS B 83 3.28 -28.18 10.36
C LYS B 83 2.09 -28.29 9.40
N THR B 84 1.01 -27.58 9.70
CA THR B 84 -0.09 -27.43 8.76
C THR B 84 -0.31 -25.94 8.53
N VAL B 85 -0.04 -25.48 7.32
CA VAL B 85 -0.32 -24.09 6.97
C VAL B 85 -1.83 -23.92 6.88
N THR B 86 -2.36 -22.94 7.61
CA THR B 86 -3.81 -22.71 7.66
C THR B 86 -4.23 -21.71 6.60
N ALA B 87 -5.55 -21.57 6.43
CA ALA B 87 -6.05 -20.48 5.59
C ALA B 87 -5.61 -19.13 6.12
N MET B 88 -5.55 -18.98 7.45
CA MET B 88 -5.15 -17.69 8.00
C MET B 88 -3.70 -17.36 7.71
N ASP B 89 -2.82 -18.36 7.70
CA ASP B 89 -1.45 -18.07 7.29
C ASP B 89 -1.43 -17.46 5.89
N VAL B 90 -2.20 -18.03 4.95
CA VAL B 90 -2.23 -17.53 3.57
C VAL B 90 -2.86 -16.12 3.50
N VAL B 91 -3.96 -15.90 4.23
CA VAL B 91 -4.55 -14.56 4.27
C VAL B 91 -3.54 -13.55 4.77
N TYR B 92 -2.76 -13.91 5.79
CA TYR B 92 -1.74 -13.00 6.30
C TYR B 92 -0.63 -12.80 5.27
N ALA B 93 -0.26 -13.82 4.53
CA ALA B 93 0.77 -13.65 3.52
C ALA B 93 0.32 -12.66 2.47
N LEU B 94 -0.90 -12.85 1.98
CA LEU B 94 -1.45 -11.92 1.00
C LEU B 94 -1.56 -10.52 1.59
N LYS B 95 -1.95 -10.43 2.86
CA LYS B 95 -1.98 -9.12 3.49
C LYS B 95 -0.60 -8.47 3.50
N ARG B 96 0.46 -9.25 3.65
CA ARG B 96 1.73 -8.57 3.74
C ARG B 96 2.28 -8.21 2.38
N GLN B 97 1.70 -8.71 1.29
CA GLN B 97 2.04 -8.12 0.01
C GLN B 97 0.94 -7.22 -0.56
N GLY B 98 0.07 -6.67 0.28
CA GLY B 98 -0.91 -5.70 -0.18
C GLY B 98 -2.25 -6.22 -0.68
N ARG B 99 -2.54 -7.50 -0.51
CA ARG B 99 -3.78 -8.06 -1.02
C ARG B 99 -4.61 -8.55 0.15
N THR B 100 -5.86 -8.13 0.23
CA THR B 100 -6.75 -8.53 1.32
C THR B 100 -7.76 -9.54 0.82
N LEU B 101 -7.68 -10.75 1.34
CA LEU B 101 -8.56 -11.84 0.92
C LEU B 101 -9.68 -11.98 1.94
N TYR B 102 -10.91 -11.92 1.47
CA TYR B 102 -12.09 -12.10 2.28
C TYR B 102 -12.60 -13.54 2.16
N GLY B 103 -13.18 -14.03 3.25
CA GLY B 103 -13.88 -15.28 3.23
C GLY B 103 -13.21 -16.44 3.92
N PHE B 104 -12.19 -16.19 4.73
CA PHE B 104 -11.58 -17.26 5.48
C PHE B 104 -11.35 -16.70 6.88
N ALA C 16 28.85 -1.63 42.46
CA ALA C 16 29.34 -2.09 41.18
C ALA C 16 29.04 -1.06 40.10
N LYS C 17 29.94 -0.91 39.12
CA LYS C 17 29.74 0.06 38.06
C LYS C 17 28.85 -0.51 36.96
N ALA C 18 28.16 0.38 36.26
CA ALA C 18 27.19 -0.01 35.23
C ALA C 18 27.77 0.11 33.82
N LYS C 19 27.47 -0.90 33.00
CA LYS C 19 27.75 -0.91 31.56
C LYS C 19 26.42 -0.97 30.82
N THR C 20 26.27 -0.14 29.78
CA THR C 20 25.03 -0.13 28.98
C THR C 20 24.69 -1.52 28.46
N ARG C 21 23.40 -1.74 28.18
CA ARG C 21 23.01 -2.94 27.45
C ARG C 21 23.62 -2.96 26.06
N SER C 22 23.82 -1.78 25.45
CA SER C 22 24.53 -1.75 24.19
C SER C 22 25.96 -2.22 24.34
N SER C 23 26.64 -1.80 25.43
CA SER C 23 27.97 -2.33 25.74
C SER C 23 27.94 -3.84 25.77
N ARG C 24 27.01 -4.43 26.52
CA ARG C 24 27.08 -5.87 26.64
C ARG C 24 26.57 -6.59 25.40
N ALA C 25 25.92 -5.89 24.47
CA ALA C 25 25.54 -6.54 23.22
C ALA C 25 26.52 -6.27 22.09
N GLY C 26 27.45 -5.33 22.27
CA GLY C 26 28.42 -5.03 21.24
C GLY C 26 27.92 -4.14 20.12
N LEU C 27 27.03 -3.20 20.44
CA LEU C 27 26.39 -2.33 19.48
C LEU C 27 26.55 -0.86 19.86
N GLN C 28 26.34 -0.02 18.83
CA GLN C 28 26.29 1.43 18.95
C GLN C 28 24.88 1.94 19.19
N PHE C 29 23.86 1.27 18.67
CA PHE C 29 22.51 1.79 18.78
C PHE C 29 21.96 1.59 20.19
N PRO C 30 21.08 2.50 20.65
CA PRO C 30 20.73 2.52 22.07
C PRO C 30 19.73 1.43 22.45
N VAL C 31 20.23 0.34 23.05
CA VAL C 31 19.34 -0.75 23.41
C VAL C 31 18.25 -0.26 24.35
N GLY C 32 18.62 0.56 25.33
CA GLY C 32 17.63 1.00 26.29
C GLY C 32 16.54 1.82 25.64
N ARG C 33 16.94 2.78 24.80
CA ARG C 33 15.97 3.64 24.11
C ARG C 33 15.06 2.83 23.23
N VAL C 34 15.61 1.82 22.56
CA VAL C 34 14.79 0.95 21.72
C VAL C 34 13.76 0.22 22.57
N HIS C 35 14.19 -0.33 23.71
CA HIS C 35 13.27 -1.01 24.61
C HIS C 35 12.15 -0.07 25.04
N ARG C 36 12.50 1.17 25.33
CA ARG C 36 11.47 2.12 25.69
C ARG C 36 10.51 2.31 24.53
N LEU C 37 11.03 2.44 23.31
CA LEU C 37 10.17 2.70 22.16
C LEU C 37 9.29 1.50 21.87
N LEU C 38 9.71 0.32 22.28
CA LEU C 38 8.87 -0.85 22.14
C LEU C 38 7.75 -0.82 23.17
N ARG C 39 8.09 -0.52 24.43
CA ARG C 39 7.06 -0.41 25.48
C ARG C 39 6.07 0.73 25.17
N LYS C 40 6.55 1.83 24.59
CA LYS C 40 5.74 3.03 24.44
C LYS C 40 4.83 2.98 23.23
N GLY C 41 5.11 2.13 22.27
CA GLY C 41 4.38 2.17 21.02
C GLY C 41 3.10 1.37 20.97
N ASN C 42 2.72 0.71 22.08
CA ASN C 42 1.52 -0.12 22.12
C ASN C 42 1.58 -1.18 21.02
N TYR C 43 2.63 -1.99 21.11
CA TYR C 43 2.78 -3.16 20.26
C TYR C 43 2.39 -4.43 20.99
N SER C 44 2.62 -4.47 22.30
CA SER C 44 2.25 -5.61 23.13
C SER C 44 2.31 -5.21 24.59
N GLU C 45 1.55 -5.94 25.43
CA GLU C 45 1.55 -5.62 26.85
C GLU C 45 2.93 -5.86 27.48
N ARG C 46 3.68 -6.87 27.01
CA ARG C 46 4.98 -7.19 27.57
C ARG C 46 6.05 -7.26 26.47
N VAL C 47 7.25 -6.76 26.78
CA VAL C 47 8.37 -6.82 25.86
C VAL C 47 9.49 -7.64 26.50
N GLY C 48 9.97 -8.65 25.78
CA GLY C 48 11.01 -9.52 26.30
C GLY C 48 12.38 -8.85 26.37
N ALA C 49 13.30 -9.53 27.04
CA ALA C 49 14.63 -8.96 27.25
C ALA C 49 15.45 -8.88 25.95
N GLY C 50 15.42 -9.94 25.14
CA GLY C 50 16.22 -9.93 23.93
C GLY C 50 15.65 -9.12 22.78
N ALA C 51 14.36 -8.77 22.82
CA ALA C 51 13.74 -8.08 21.70
C ALA C 51 14.41 -6.76 21.39
N PRO C 52 14.68 -5.88 22.38
CA PRO C 52 15.36 -4.62 22.05
C PRO C 52 16.81 -4.80 21.62
N VAL C 53 17.52 -5.82 22.16
CA VAL C 53 18.84 -6.16 21.66
C VAL C 53 18.78 -6.46 20.17
N TYR C 54 17.88 -7.38 19.79
CA TYR C 54 17.72 -7.79 18.40
C TYR C 54 17.33 -6.62 17.50
N MSE C 55 16.34 -5.83 17.93
CA MSE C 55 15.89 -4.67 17.19
C MSE C 55 17.01 -3.69 16.96
O MSE C 55 17.17 -3.16 15.84
CB MSE C 55 14.74 -3.97 17.92
CG MSE C 55 13.38 -4.19 17.25
SE MSE C 55 13.21 -3.38 15.46
CE MSE C 55 14.22 -1.84 15.90
N ALA C 56 17.78 -3.40 18.04
CA ALA C 56 18.85 -2.43 17.91
C ALA C 56 19.92 -2.92 16.93
N ALA C 57 20.21 -4.23 16.95
CA ALA C 57 21.19 -4.77 16.02
C ALA C 57 20.73 -4.62 14.58
N VAL C 58 19.45 -4.88 14.33
CA VAL C 58 18.95 -4.76 12.97
C VAL C 58 19.01 -3.31 12.50
N LEU C 59 18.62 -2.37 13.36
CA LEU C 59 18.68 -0.98 12.97
C LEU C 59 20.10 -0.58 12.63
N GLU C 60 21.05 -1.01 13.47
CA GLU C 60 22.45 -0.68 13.21
C GLU C 60 22.90 -1.27 11.90
N TYR C 61 22.52 -2.52 11.61
CA TYR C 61 22.95 -3.11 10.35
C TYR C 61 22.38 -2.35 9.16
N MSE C 62 21.11 -1.98 9.23
CA MSE C 62 20.45 -1.33 8.11
C MSE C 62 21.10 0.01 7.84
O MSE C 62 21.40 0.34 6.69
CB MSE C 62 18.96 -1.17 8.38
CG MSE C 62 18.15 -2.46 8.23
SE MSE C 62 18.25 -3.13 6.38
CE MSE C 62 18.65 -4.97 6.72
N THR C 63 21.33 0.76 8.94
CA THR C 63 22.04 2.03 8.88
C THR C 63 23.42 1.86 8.28
N ALA C 64 24.13 0.80 8.67
CA ALA C 64 25.47 0.56 8.13
C ALA C 64 25.41 0.34 6.61
N GLU C 65 24.53 -0.55 6.17
CA GLU C 65 24.40 -0.84 4.74
C GLU C 65 24.05 0.40 3.95
N ILE C 66 23.10 1.19 4.46
CA ILE C 66 22.69 2.34 3.67
C ILE C 66 23.78 3.39 3.68
N LEU C 67 24.54 3.52 4.77
CA LEU C 67 25.62 4.49 4.78
C LEU C 67 26.82 4.03 3.95
N GLU C 68 27.06 2.72 3.83
CA GLU C 68 28.11 2.24 2.92
C GLU C 68 27.76 2.59 1.48
N LEU C 69 26.53 2.28 1.04
CA LEU C 69 26.14 2.63 -0.33
C LEU C 69 26.13 4.16 -0.55
N ALA C 70 25.62 4.92 0.43
CA ALA C 70 25.55 6.35 0.26
C ALA C 70 26.95 6.96 0.25
N GLY C 71 27.85 6.47 1.10
CA GLY C 71 29.23 6.93 1.06
C GLY C 71 29.90 6.64 -0.26
N ASN C 72 29.63 5.46 -0.84
CA ASN C 72 30.17 5.16 -2.15
C ASN C 72 29.67 6.15 -3.21
N ALA C 73 28.38 6.48 -3.17
CA ALA C 73 27.87 7.45 -4.13
C ALA C 73 28.52 8.81 -3.90
N ALA C 74 28.72 9.18 -2.63
CA ALA C 74 29.40 10.43 -2.30
C ALA C 74 30.80 10.50 -2.92
N ARG C 75 31.54 9.39 -2.89
CA ARG C 75 32.87 9.40 -3.52
C ARG C 75 32.78 9.48 -5.04
N ASP C 76 31.81 8.80 -5.67
CA ASP C 76 31.71 8.83 -7.13
C ASP C 76 31.45 10.25 -7.65
N ASN C 77 30.73 11.06 -6.91
CA ASN C 77 30.48 12.45 -7.27
C ASN C 77 31.50 13.41 -6.66
N LYS C 78 32.68 12.90 -6.27
CA LYS C 78 33.77 13.70 -5.71
C LYS C 78 33.31 14.60 -4.56
N LYS C 79 32.49 14.05 -3.66
CA LYS C 79 32.12 14.77 -2.43
C LYS C 79 32.58 14.01 -1.20
N THR C 80 32.85 14.76 -0.13
CA THR C 80 33.18 14.19 1.17
C THR C 80 31.98 14.13 2.10
N ARG C 81 30.91 14.84 1.79
CA ARG C 81 29.74 14.93 2.64
C ARG C 81 28.56 14.26 1.93
N ILE C 82 27.90 13.33 2.63
CA ILE C 82 26.70 12.71 2.11
C ILE C 82 25.58 13.75 2.05
N ILE C 83 24.92 13.84 0.91
CA ILE C 83 23.75 14.71 0.80
C ILE C 83 22.58 13.83 0.34
N PRO C 84 21.34 14.29 0.49
CA PRO C 84 20.19 13.42 0.13
C PRO C 84 20.31 12.82 -1.24
N ARG C 85 20.89 13.55 -2.20
CA ARG C 85 21.08 12.99 -3.53
C ARG C 85 21.87 11.70 -3.46
N HIS C 86 22.94 11.66 -2.65
CA HIS C 86 23.70 10.41 -2.58
C HIS C 86 22.84 9.31 -1.97
N LEU C 87 21.97 9.65 -1.01
CA LEU C 87 21.12 8.63 -0.43
C LEU C 87 20.14 8.09 -1.48
N GLN C 88 19.58 8.98 -2.31
CA GLN C 88 18.70 8.54 -3.38
C GLN C 88 19.44 7.64 -4.38
N LEU C 89 20.64 8.03 -4.81
CA LEU C 89 21.37 7.14 -5.72
C LEU C 89 21.68 5.81 -5.05
N ALA C 90 22.12 5.82 -3.79
CA ALA C 90 22.32 4.56 -3.08
C ALA C 90 21.08 3.68 -3.13
N ILE C 91 19.91 4.25 -2.81
CA ILE C 91 18.69 3.45 -2.82
C ILE C 91 18.47 2.84 -4.19
N ARG C 92 18.36 3.68 -5.20
CA ARG C 92 17.78 3.16 -6.43
C ARG C 92 18.76 2.34 -7.24
N ASN C 93 20.06 2.39 -6.93
CA ASN C 93 21.02 1.55 -7.62
C ASN C 93 21.16 0.18 -6.97
N ASP C 94 20.51 -0.07 -5.84
CA ASP C 94 20.67 -1.33 -5.14
C ASP C 94 19.35 -2.08 -5.22
N GLU C 95 19.38 -3.28 -5.81
CA GLU C 95 18.16 -4.08 -6.03
C GLU C 95 17.33 -4.22 -4.77
N GLU C 96 17.96 -4.66 -3.68
CA GLU C 96 17.20 -4.93 -2.47
C GLU C 96 16.77 -3.62 -1.80
N MSE C 97 17.68 -2.66 -1.71
CA MSE C 97 17.35 -1.41 -1.05
C MSE C 97 16.25 -0.72 -1.79
O MSE C 97 15.42 -0.04 -1.19
CB MSE C 97 18.57 -0.52 -0.94
CG MSE C 97 18.41 0.54 0.14
SE MSE C 97 18.36 -0.20 1.96
CE MSE C 97 20.27 -0.69 2.03
N ASN C 98 16.26 -0.88 -3.12
CA ASN C 98 15.22 -0.28 -3.94
C ASN C 98 13.88 -0.97 -3.70
N LYS C 99 13.89 -2.30 -3.59
CA LYS C 99 12.64 -3.00 -3.36
C LYS C 99 12.10 -2.67 -1.96
N LEU C 100 12.98 -2.56 -0.96
CA LEU C 100 12.54 -2.32 0.40
C LEU C 100 11.95 -0.91 0.55
N LEU C 101 12.55 0.07 -0.12
CA LEU C 101 12.15 1.48 -0.02
C LEU C 101 11.45 1.94 -1.31
N GLY C 102 10.61 1.07 -1.86
CA GLY C 102 10.02 1.35 -3.16
C GLY C 102 9.01 2.46 -3.15
N ARG C 103 8.31 2.63 -2.04
CA ARG C 103 7.30 3.67 -1.89
C ARG C 103 7.80 4.87 -1.07
N VAL C 104 9.11 5.16 -1.13
CA VAL C 104 9.70 6.17 -0.25
C VAL C 104 10.30 7.29 -1.10
N THR C 105 9.89 8.52 -0.81
CA THR C 105 10.41 9.69 -1.50
C THR C 105 11.47 10.35 -0.66
N ILE C 106 12.61 10.62 -1.26
CA ILE C 106 13.71 11.31 -0.60
C ILE C 106 13.70 12.77 -1.05
N ALA C 107 13.31 13.64 -0.14
CA ALA C 107 13.32 15.07 -0.44
C ALA C 107 14.69 15.45 -0.95
N GLN C 108 14.72 16.26 -2.01
CA GLN C 108 15.94 16.67 -2.70
C GLN C 108 16.83 15.48 -3.07
N GLY C 109 16.21 14.42 -3.59
CA GLY C 109 16.93 13.22 -4.01
C GLY C 109 17.09 13.08 -5.53
N GLY C 110 16.18 13.68 -6.32
CA GLY C 110 16.22 13.58 -7.76
C GLY C 110 15.91 12.17 -8.21
N VAL C 111 16.24 11.87 -9.47
CA VAL C 111 15.97 10.57 -10.05
C VAL C 111 17.28 9.98 -10.58
N LEU C 112 17.24 8.68 -10.88
CA LEU C 112 18.36 8.03 -11.56
C LEU C 112 18.48 8.54 -12.99
N PRO C 113 19.67 8.93 -13.43
CA PRO C 113 19.85 9.23 -14.87
C PRO C 113 19.50 7.99 -15.68
N ASN C 114 18.45 8.15 -16.51
CA ASN C 114 17.86 7.05 -17.26
C ASN C 114 17.18 7.63 -18.49
N ILE C 115 17.74 7.36 -19.67
CA ILE C 115 17.11 7.67 -20.96
C ILE C 115 16.89 6.34 -21.69
N GLN C 116 15.66 6.11 -22.17
CA GLN C 116 15.33 4.87 -22.85
C GLN C 116 15.94 4.85 -24.26
N ALA C 117 16.27 3.64 -24.75
CA ALA C 117 17.12 3.49 -25.94
C ALA C 117 16.55 4.23 -27.16
N VAL C 118 15.27 4.03 -27.46
CA VAL C 118 14.57 4.76 -28.53
C VAL C 118 14.83 6.25 -28.58
N LEU C 119 15.07 6.88 -27.44
CA LEU C 119 15.15 8.33 -27.44
C LEU C 119 16.48 8.84 -27.97
N LEU C 120 17.43 7.92 -28.33
CA LEU C 120 18.80 8.32 -28.49
C LEU C 120 19.07 8.66 -29.95
N PRO C 121 19.94 9.67 -30.21
CA PRO C 121 20.06 10.14 -31.62
C PRO C 121 20.67 9.08 -32.55
N SER D 36 11.44 21.62 25.35
CA SER D 36 12.88 21.48 25.48
C SER D 36 13.43 20.47 24.45
N ARG D 37 13.62 19.22 24.88
CA ARG D 37 14.39 18.24 24.12
C ARG D 37 13.59 17.58 23.00
N LYS D 38 14.30 17.28 21.90
CA LYS D 38 13.85 16.40 20.82
C LYS D 38 14.96 15.41 20.54
N GLU D 39 14.71 14.14 20.86
CA GLU D 39 15.74 13.12 20.69
C GLU D 39 15.61 12.49 19.31
N SER D 40 16.75 12.01 18.80
CA SER D 40 16.85 11.41 17.49
C SER D 40 17.94 10.33 17.52
N TYR D 41 18.20 9.76 16.35
CA TYR D 41 19.26 8.77 16.19
C TYR D 41 20.54 9.38 15.63
N SER D 42 20.68 10.70 15.67
CA SER D 42 21.79 11.38 14.99
C SER D 42 23.14 10.88 15.47
N ILE D 43 23.34 10.84 16.79
CA ILE D 43 24.63 10.42 17.35
C ILE D 43 24.98 9.00 16.90
N TYR D 44 23.98 8.10 16.88
CA TYR D 44 24.27 6.72 16.52
C TYR D 44 24.52 6.56 15.03
N VAL D 45 23.74 7.26 14.21
CA VAL D 45 24.00 7.27 12.77
C VAL D 45 25.39 7.78 12.49
N TYR D 46 25.82 8.81 13.22
CA TYR D 46 27.15 9.36 13.00
C TYR D 46 28.25 8.36 13.41
N LYS D 47 28.09 7.69 14.55
CA LYS D 47 29.04 6.66 14.95
C LYS D 47 29.18 5.56 13.90
N VAL D 48 28.04 5.06 13.39
CA VAL D 48 28.12 4.02 12.37
C VAL D 48 28.74 4.56 11.09
N LEU D 49 28.43 5.82 10.72
CA LEU D 49 29.01 6.42 9.53
C LEU D 49 30.52 6.44 9.61
N LYS D 50 31.05 6.93 10.74
CA LYS D 50 32.50 6.98 10.94
C LYS D 50 33.10 5.60 11.04
N GLN D 51 32.29 4.60 11.34
CA GLN D 51 32.80 3.24 11.30
C GLN D 51 32.95 2.70 9.87
N VAL D 52 32.07 3.10 8.93
CA VAL D 52 32.13 2.54 7.56
C VAL D 52 32.77 3.47 6.53
N HIS D 53 32.80 4.78 6.76
CA HIS D 53 33.50 5.73 5.92
C HIS D 53 34.10 6.81 6.80
N PRO D 54 35.30 6.57 7.33
CA PRO D 54 35.80 7.42 8.44
C PRO D 54 36.05 8.85 8.05
N ASP D 55 36.48 9.11 6.83
CA ASP D 55 36.75 10.47 6.42
C ASP D 55 35.53 11.15 5.79
N THR D 56 34.37 10.51 5.86
CA THR D 56 33.16 10.99 5.23
C THR D 56 32.21 11.54 6.27
N GLY D 57 31.62 12.70 5.97
CA GLY D 57 30.64 13.35 6.82
C GLY D 57 29.26 13.29 6.21
N ILE D 58 28.34 14.08 6.78
CA ILE D 58 26.96 13.99 6.35
C ILE D 58 26.26 15.32 6.60
N SER D 59 25.47 15.79 5.64
CA SER D 59 24.76 17.04 5.86
C SER D 59 23.54 16.83 6.76
N SER D 60 23.01 17.94 7.27
CA SER D 60 21.87 17.85 8.19
C SER D 60 20.63 17.35 7.46
N LYS D 61 20.45 17.72 6.20
CA LYS D 61 19.29 17.16 5.50
C LYS D 61 19.47 15.67 5.33
N ALA D 62 20.68 15.24 4.95
CA ALA D 62 20.92 13.81 4.86
C ALA D 62 20.71 13.16 6.21
N MSE D 63 21.04 13.86 7.29
CA MSE D 63 20.84 13.27 8.59
C MSE D 63 19.32 13.15 8.87
O MSE D 63 18.85 12.17 9.49
CB MSE D 63 21.56 14.09 9.68
CG MSE D 63 21.47 13.47 11.08
SE MSE D 63 22.04 11.58 11.16
CE MSE D 63 23.98 11.94 11.16
N GLY D 64 18.54 14.13 8.39
CA GLY D 64 17.11 14.04 8.58
C GLY D 64 16.51 12.84 7.86
N ILE D 65 16.90 12.63 6.61
CA ILE D 65 16.34 11.47 5.96
C ILE D 65 16.87 10.17 6.62
N MSE D 66 18.08 10.17 7.18
CA MSE D 66 18.50 9.00 7.93
C MSE D 66 17.64 8.73 9.17
O MSE D 66 17.37 7.57 9.51
CB MSE D 66 19.96 9.13 8.36
CG MSE D 66 20.96 8.89 7.21
SE MSE D 66 20.83 7.12 6.41
CE MSE D 66 21.14 6.04 8.00
N ASN D 67 17.20 9.79 9.84
CA ASN D 67 16.30 9.59 10.99
C ASN D 67 14.93 9.10 10.56
N SER D 68 14.45 9.62 9.44
CA SER D 68 13.19 9.10 8.93
C SER D 68 13.32 7.62 8.59
N PHE D 69 14.44 7.23 7.97
CA PHE D 69 14.68 5.84 7.58
C PHE D 69 14.72 4.93 8.80
N VAL D 70 15.45 5.34 9.86
CA VAL D 70 15.57 4.47 11.02
C VAL D 70 14.21 4.33 11.71
N ASN D 71 13.46 5.44 11.80
CA ASN D 71 12.13 5.31 12.39
C ASN D 71 11.23 4.43 11.53
N ASP D 72 11.38 4.48 10.21
CA ASP D 72 10.55 3.70 9.34
C ASP D 72 10.85 2.22 9.49
N ILE D 73 12.13 1.86 9.49
CA ILE D 73 12.44 0.43 9.65
C ILE D 73 11.93 -0.07 10.98
N PHE D 74 12.12 0.71 12.04
CA PHE D 74 11.65 0.27 13.35
C PHE D 74 10.14 0.06 13.35
N GLU D 75 9.39 1.02 12.82
CA GLU D 75 7.95 0.90 12.83
C GLU D 75 7.51 -0.33 12.01
N ARG D 76 8.13 -0.55 10.85
CA ARG D 76 7.75 -1.72 10.09
C ARG D 76 8.00 -3.01 10.90
N ILE D 77 9.22 -3.14 11.46
CA ILE D 77 9.54 -4.36 12.23
C ILE D 77 8.64 -4.52 13.46
N ALA D 78 8.48 -3.45 14.25
CA ALA D 78 7.67 -3.58 15.45
C ALA D 78 6.21 -3.85 15.12
N GLY D 79 5.69 -3.21 14.06
CA GLY D 79 4.33 -3.48 13.66
C GLY D 79 4.15 -4.92 13.28
N GLU D 80 5.07 -5.48 12.49
CA GLU D 80 4.93 -6.88 12.11
C GLU D 80 5.09 -7.78 13.33
N ALA D 81 5.99 -7.42 14.25
CA ALA D 81 6.17 -8.25 15.44
C ALA D 81 4.91 -8.23 16.29
N SER D 82 4.30 -7.06 16.45
CA SER D 82 3.02 -6.93 17.15
C SER D 82 1.95 -7.82 16.52
N ARG D 83 1.86 -7.79 15.20
CA ARG D 83 0.86 -8.62 14.54
C ARG D 83 1.15 -10.10 14.75
N LEU D 84 2.42 -10.49 14.66
CA LEU D 84 2.80 -11.88 14.88
C LEU D 84 2.36 -12.36 16.26
N ALA D 85 2.68 -11.56 17.29
CA ALA D 85 2.31 -11.92 18.64
C ALA D 85 0.80 -12.00 18.80
N HIS D 86 0.08 -11.09 18.17
CA HIS D 86 -1.38 -11.13 18.24
C HIS D 86 -1.94 -12.39 17.61
N TYR D 87 -1.44 -12.79 16.44
CA TYR D 87 -2.04 -13.96 15.77
C TYR D 87 -1.96 -15.19 16.65
N ASN D 88 -0.87 -15.33 17.41
CA ASN D 88 -0.62 -16.50 18.24
C ASN D 88 -1.05 -16.31 19.70
N LYS D 89 -1.83 -15.26 19.98
CA LYS D 89 -2.45 -15.02 21.28
C LYS D 89 -1.43 -15.01 22.42
N ARG D 90 -0.24 -14.51 22.11
CA ARG D 90 0.81 -14.27 23.09
C ARG D 90 0.91 -12.77 23.34
N SER D 91 1.31 -12.41 24.56
CA SER D 91 1.37 -11.02 24.98
C SER D 91 2.80 -10.50 25.05
N THR D 92 3.78 -11.32 24.64
CA THR D 92 5.18 -10.91 24.68
C THR D 92 5.76 -10.78 23.28
N ILE D 93 6.42 -9.65 23.02
CA ILE D 93 7.27 -9.50 21.84
C ILE D 93 8.71 -9.87 22.21
N THR D 94 9.13 -11.01 21.74
CA THR D 94 10.46 -11.52 22.00
C THR D 94 11.31 -11.41 20.74
N SER D 95 12.58 -11.76 20.87
CA SER D 95 13.44 -11.78 19.70
C SER D 95 12.93 -12.75 18.65
N ARG D 96 12.20 -13.78 19.04
CA ARG D 96 11.65 -14.66 18.02
C ARG D 96 10.71 -13.89 17.09
N GLU D 97 9.85 -13.02 17.66
CA GLU D 97 8.98 -12.18 16.83
C GLU D 97 9.78 -11.17 16.01
N ILE D 98 10.82 -10.55 16.60
CA ILE D 98 11.62 -9.61 15.81
C ILE D 98 12.23 -10.34 14.62
N GLN D 99 12.76 -11.53 14.85
CA GLN D 99 13.45 -12.26 13.80
C GLN D 99 12.48 -12.67 12.71
N THR D 100 11.29 -13.17 13.08
CA THR D 100 10.33 -13.47 12.02
C THR D 100 9.87 -12.20 11.31
N ALA D 101 9.75 -11.08 12.02
CA ALA D 101 9.31 -9.85 11.36
C ALA D 101 10.33 -9.41 10.31
N VAL D 102 11.61 -9.53 10.65
CA VAL D 102 12.68 -9.24 9.68
C VAL D 102 12.54 -10.17 8.49
N ARG D 103 12.29 -11.46 8.73
CA ARG D 103 12.28 -12.35 7.60
C ARG D 103 11.08 -12.14 6.69
N LEU D 104 10.00 -11.58 7.21
CA LEU D 104 8.87 -11.27 6.37
C LEU D 104 9.01 -9.93 5.65
N LEU D 105 9.66 -8.94 6.27
CA LEU D 105 9.75 -7.61 5.69
C LEU D 105 11.03 -7.33 4.88
N LEU D 106 12.16 -8.03 5.18
CA LEU D 106 13.31 -7.57 4.41
C LEU D 106 13.56 -8.45 3.21
N PRO D 107 14.08 -7.88 2.12
CA PRO D 107 14.31 -8.69 0.92
C PRO D 107 15.60 -9.47 1.07
N GLY D 108 15.51 -10.77 0.86
CA GLY D 108 16.66 -11.58 0.52
C GLY D 108 17.89 -11.49 1.41
N GLU D 109 18.96 -10.97 0.80
CA GLU D 109 20.25 -10.95 1.46
C GLU D 109 20.26 -9.99 2.65
N LEU D 110 19.54 -8.87 2.54
CA LEU D 110 19.42 -7.96 3.68
C LEU D 110 18.83 -8.68 4.88
N ALA D 111 17.83 -9.53 4.64
CA ALA D 111 17.26 -10.29 5.74
C ALA D 111 18.26 -11.28 6.32
N LYS D 112 19.06 -11.94 5.46
CA LYS D 112 20.00 -12.93 5.99
C LYS D 112 21.01 -12.26 6.92
N HIS D 113 21.62 -11.17 6.43
CA HIS D 113 22.55 -10.40 7.25
C HIS D 113 21.89 -9.84 8.50
N ALA D 114 20.65 -9.32 8.40
CA ALA D 114 20.05 -8.68 9.57
C ALA D 114 19.78 -9.71 10.67
N VAL D 115 19.29 -10.90 10.31
CA VAL D 115 19.05 -11.87 11.38
C VAL D 115 20.38 -12.41 11.89
N SER D 116 21.40 -12.49 11.03
CA SER D 116 22.70 -12.88 11.54
C SER D 116 23.19 -11.88 12.60
N GLU D 117 23.10 -10.58 12.32
CA GLU D 117 23.64 -9.58 13.24
C GLU D 117 22.81 -9.49 14.51
N GLY D 118 21.49 -9.64 14.40
CA GLY D 118 20.68 -9.60 15.59
C GLY D 118 20.93 -10.80 16.47
N THR D 119 21.02 -12.00 15.86
CA THR D 119 21.34 -13.20 16.62
C THR D 119 22.66 -13.05 17.35
N LYS D 120 23.67 -12.51 16.66
CA LYS D 120 24.97 -12.35 17.30
C LYS D 120 24.86 -11.37 18.47
N ALA D 121 24.05 -10.31 18.31
CA ALA D 121 23.87 -9.37 19.41
C ALA D 121 23.21 -10.03 20.62
N VAL D 122 22.19 -10.86 20.40
CA VAL D 122 21.51 -11.41 21.57
C VAL D 122 22.42 -12.40 22.27
N THR D 123 23.20 -13.17 21.49
CA THR D 123 24.16 -14.09 22.08
C THR D 123 25.20 -13.36 22.90
N LYS D 124 25.81 -12.33 22.32
CA LYS D 124 26.85 -11.63 23.04
C LYS D 124 26.28 -10.83 24.21
N TYR D 125 24.99 -10.48 24.17
CA TYR D 125 24.38 -9.76 25.29
C TYR D 125 24.12 -10.63 26.47
N THR D 126 23.73 -11.90 26.25
CA THR D 126 23.40 -12.74 27.41
C THR D 126 24.56 -12.81 28.39
N SER D 127 25.79 -12.71 27.91
CA SER D 127 26.94 -12.64 28.78
C SER D 127 27.12 -11.21 29.29
N PRO E 42 22.69 30.58 -40.21
CA PRO E 42 22.55 30.70 -38.74
C PRO E 42 22.47 29.35 -38.03
N HIS E 43 23.21 29.17 -36.94
CA HIS E 43 23.27 27.86 -36.30
C HIS E 43 22.01 27.62 -35.48
N ARG E 44 21.41 26.45 -35.66
CA ARG E 44 20.21 26.11 -34.91
C ARG E 44 20.09 24.60 -34.83
N TYR E 45 19.78 24.10 -33.62
CA TYR E 45 19.80 22.68 -33.32
C TYR E 45 18.53 22.01 -33.81
N ARG E 46 18.66 20.73 -34.12
CA ARG E 46 17.52 19.98 -34.61
C ARG E 46 16.57 19.73 -33.46
N PRO E 47 15.27 19.70 -33.72
CA PRO E 47 14.30 19.37 -32.67
C PRO E 47 14.62 18.02 -32.03
N GLY E 48 14.68 18.02 -30.70
CA GLY E 48 15.02 16.82 -29.96
C GLY E 48 16.42 16.85 -29.35
N THR E 49 17.35 17.56 -29.99
CA THR E 49 18.69 17.70 -29.45
C THR E 49 18.67 18.51 -28.16
N VAL E 50 17.94 19.64 -28.17
CA VAL E 50 17.80 20.41 -26.95
C VAL E 50 17.00 19.61 -25.94
N ALA E 51 16.00 18.84 -26.39
CA ALA E 51 15.20 18.05 -25.47
C ALA E 51 16.05 17.02 -24.72
N LEU E 52 16.92 16.31 -25.45
CA LEU E 52 17.82 15.36 -24.82
C LEU E 52 18.79 16.07 -23.87
N ARG E 53 19.30 17.23 -24.27
CA ARG E 53 20.19 17.94 -23.36
C ARG E 53 19.49 18.33 -22.08
N GLU E 54 18.22 18.72 -22.17
CA GLU E 54 17.48 19.10 -20.99
C GLU E 54 17.19 17.90 -20.11
N ILE E 55 16.89 16.76 -20.72
CA ILE E 55 16.69 15.57 -19.91
C ILE E 55 17.96 15.27 -19.12
N ARG E 56 19.13 15.31 -19.77
CA ARG E 56 20.34 15.00 -19.01
C ARG E 56 20.52 16.02 -17.89
N ARG E 57 20.31 17.29 -18.21
CA ARG E 57 20.48 18.38 -17.26
C ARG E 57 19.66 18.15 -16.02
N TYR E 58 18.34 17.99 -16.21
CA TYR E 58 17.42 17.97 -15.07
C TYR E 58 17.42 16.63 -14.36
N GLN E 59 17.93 15.58 -15.00
CA GLN E 59 18.10 14.35 -14.27
C GLN E 59 19.37 14.35 -13.43
N LYS E 60 20.32 15.23 -13.74
CA LYS E 60 21.47 15.28 -12.85
C LYS E 60 21.19 16.16 -11.63
N SER E 61 20.10 16.94 -11.63
CA SER E 61 19.85 17.89 -10.56
C SER E 61 18.70 17.43 -9.65
N THR E 62 18.61 18.11 -8.51
CA THR E 62 17.62 17.81 -7.51
C THR E 62 16.77 19.02 -7.14
N GLU E 63 17.07 20.20 -7.66
CA GLU E 63 16.28 21.40 -7.36
C GLU E 63 14.79 21.17 -7.63
N LEU E 64 13.95 21.84 -6.86
CA LEU E 64 12.53 21.91 -7.22
C LEU E 64 12.34 22.66 -8.54
N LEU E 65 11.39 22.19 -9.35
CA LEU E 65 11.20 22.67 -10.69
C LEU E 65 9.99 23.55 -10.87
N ILE E 66 9.08 23.59 -9.89
CA ILE E 66 7.99 24.56 -9.85
C ILE E 66 8.42 25.73 -8.99
N ARG E 67 8.04 26.94 -9.40
CA ARG E 67 8.45 28.11 -8.65
C ARG E 67 7.72 28.10 -7.31
N LYS E 68 8.44 28.50 -6.25
CA LYS E 68 7.93 28.34 -4.91
C LYS E 68 6.60 29.07 -4.73
N LEU E 69 6.54 30.34 -5.16
CA LEU E 69 5.37 31.16 -4.83
C LEU E 69 4.10 30.73 -5.54
N PRO E 70 4.09 30.48 -6.86
CA PRO E 70 2.84 29.99 -7.47
C PRO E 70 2.35 28.71 -6.83
N PHE E 71 3.27 27.81 -6.50
CA PHE E 71 2.86 26.55 -5.88
C PHE E 71 2.24 26.79 -4.52
N GLN E 72 2.89 27.58 -3.67
CA GLN E 72 2.35 27.80 -2.34
C GLN E 72 1.06 28.60 -2.39
N ARG E 73 0.93 29.47 -3.38
CA ARG E 73 -0.31 30.21 -3.50
C ARG E 73 -1.45 29.26 -3.86
N LEU E 74 -1.19 28.32 -4.77
CA LEU E 74 -2.12 27.24 -5.04
C LEU E 74 -2.45 26.45 -3.78
N VAL E 75 -1.43 26.12 -2.99
CA VAL E 75 -1.63 25.27 -1.82
C VAL E 75 -2.56 25.94 -0.84
N ARG E 76 -2.29 27.20 -0.53
CA ARG E 76 -3.13 27.91 0.43
C ARG E 76 -4.54 28.12 -0.11
N GLU E 77 -4.68 28.32 -1.44
CA GLU E 77 -6.01 28.45 -2.01
C GLU E 77 -6.80 27.14 -1.88
N ILE E 78 -6.17 26.01 -2.21
CA ILE E 78 -6.81 24.70 -2.05
C ILE E 78 -7.16 24.47 -0.58
N CYS E 79 -6.28 24.89 0.32
CA CYS E 79 -6.49 24.65 1.73
C CYS E 79 -7.68 25.44 2.25
N VAL E 80 -7.86 26.69 1.76
CA VAL E 80 -8.97 27.51 2.21
C VAL E 80 -10.32 26.89 1.86
N LYS E 81 -10.37 26.05 0.81
CA LYS E 81 -11.62 25.37 0.48
C LYS E 81 -12.06 24.42 1.57
N PHE E 82 -11.14 23.66 2.17
CA PHE E 82 -11.54 22.63 3.14
C PHE E 82 -11.91 23.24 4.48
N THR E 83 -11.26 24.30 4.86
CA THR E 83 -11.50 24.96 6.15
C THR E 83 -12.81 25.77 6.25
N ARG E 84 -13.77 25.81 5.30
CA ARG E 84 -14.91 26.75 5.37
C ARG E 84 -14.50 28.23 5.45
N GLY E 85 -13.23 28.58 5.26
CA GLY E 85 -12.87 29.98 5.24
C GLY E 85 -12.12 30.44 6.49
N VAL E 86 -12.04 29.59 7.52
CA VAL E 86 -11.12 29.87 8.62
C VAL E 86 -9.76 29.59 8.04
N ASP E 87 -8.75 30.32 8.46
CA ASP E 87 -7.49 30.19 7.75
C ASP E 87 -6.41 29.67 8.71
N PHE E 88 -5.63 28.75 8.17
CA PHE E 88 -4.58 28.02 8.88
C PHE E 88 -3.24 28.55 8.43
N ASN E 89 -2.26 28.57 9.34
CA ASN E 89 -0.96 28.92 8.81
C ASN E 89 -0.21 27.65 8.41
N TRP E 90 0.85 27.83 7.63
CA TRP E 90 1.62 26.73 7.06
C TRP E 90 3.07 26.92 7.46
N GLN E 91 3.62 25.99 8.23
CA GLN E 91 5.07 25.99 8.41
C GLN E 91 5.79 26.00 7.06
N ALA E 92 6.89 26.73 6.99
CA ALA E 92 7.66 26.71 5.77
C ALA E 92 8.01 25.28 5.38
N GLN E 93 8.46 24.48 6.36
CA GLN E 93 8.78 23.08 6.11
C GLN E 93 7.56 22.27 5.65
N ALA E 94 6.36 22.61 6.10
CA ALA E 94 5.17 21.93 5.58
C ALA E 94 5.00 22.22 4.09
N LEU E 95 5.14 23.48 3.69
CA LEU E 95 4.98 23.82 2.27
C LEU E 95 6.08 23.18 1.42
N LEU E 96 7.31 23.17 1.89
CA LEU E 96 8.34 22.54 1.07
C LEU E 96 8.26 21.02 1.13
N ALA E 97 7.74 20.44 2.21
CA ALA E 97 7.48 19.00 2.22
C ALA E 97 6.43 18.63 1.18
N LEU E 98 5.31 19.36 1.17
CA LEU E 98 4.28 19.13 0.17
C LEU E 98 4.82 19.32 -1.26
N GLN E 99 5.70 20.30 -1.48
CA GLN E 99 6.18 20.52 -2.84
C GLN E 99 7.14 19.40 -3.26
N GLU E 100 8.00 18.95 -2.35
CA GLU E 100 8.83 17.78 -2.64
C GLU E 100 7.97 16.58 -3.03
N ALA E 101 6.93 16.31 -2.25
CA ALA E 101 6.11 15.15 -2.54
C ALA E 101 5.40 15.33 -3.86
N ALA E 102 4.88 16.52 -4.11
CA ALA E 102 4.16 16.79 -5.34
C ALA E 102 5.07 16.65 -6.57
N GLU E 103 6.28 17.17 -6.48
CA GLU E 103 7.15 17.12 -7.65
C GLU E 103 7.64 15.70 -7.89
N ALA E 104 7.95 14.96 -6.83
CA ALA E 104 8.33 13.56 -7.00
C ALA E 104 7.20 12.77 -7.65
N PHE E 105 5.96 13.04 -7.22
CA PHE E 105 4.83 12.33 -7.77
C PHE E 105 4.69 12.63 -9.26
N LEU E 106 4.76 13.91 -9.64
CA LEU E 106 4.61 14.24 -11.05
C LEU E 106 5.74 13.65 -11.88
N VAL E 107 6.99 13.71 -11.39
CA VAL E 107 8.08 13.14 -12.18
C VAL E 107 7.86 11.64 -12.39
N HIS E 108 7.37 10.94 -11.37
CA HIS E 108 7.30 9.49 -11.51
C HIS E 108 6.12 9.11 -12.42
N LEU E 109 5.02 9.84 -12.29
CA LEU E 109 3.91 9.69 -13.24
C LEU E 109 4.36 9.95 -14.68
N PHE E 110 5.26 10.90 -14.88
CA PHE E 110 5.78 11.11 -16.23
C PHE E 110 6.60 9.90 -16.69
N GLU E 111 7.41 9.33 -15.80
CA GLU E 111 8.16 8.13 -16.18
C GLU E 111 7.23 7.01 -16.65
N ASP E 112 6.20 6.71 -15.86
CA ASP E 112 5.27 5.65 -16.22
C ASP E 112 4.54 5.97 -17.51
N ALA E 113 3.98 7.18 -17.58
CA ALA E 113 3.21 7.57 -18.75
C ALA E 113 4.05 7.44 -20.01
N TYR E 114 5.33 7.77 -19.92
CA TYR E 114 6.14 7.74 -21.12
C TYR E 114 6.45 6.33 -21.54
N LEU E 115 6.55 5.41 -20.56
CA LEU E 115 6.63 4.01 -20.93
C LEU E 115 5.43 3.63 -21.78
N LEU E 116 4.25 4.08 -21.36
CA LEU E 116 3.06 3.81 -22.16
C LEU E 116 3.13 4.47 -23.54
N THR E 117 3.66 5.70 -23.60
CA THR E 117 3.89 6.38 -24.87
C THR E 117 4.74 5.55 -25.82
N LEU E 118 5.91 5.11 -25.37
CA LEU E 118 6.75 4.24 -26.21
C LEU E 118 6.01 2.95 -26.57
N HIS E 119 5.20 2.44 -25.65
CA HIS E 119 4.44 1.24 -25.91
C HIS E 119 3.46 1.41 -27.08
N ALA E 120 2.91 2.61 -27.25
CA ALA E 120 2.09 2.87 -28.42
C ALA E 120 2.91 3.16 -29.68
N LYS E 121 4.22 2.94 -29.64
CA LYS E 121 5.11 3.27 -30.73
C LYS E 121 4.93 4.74 -31.13
N ARG E 122 4.80 5.61 -30.13
CA ARG E 122 4.86 7.05 -30.28
C ARG E 122 6.10 7.58 -29.53
N VAL E 123 6.40 8.86 -29.72
CA VAL E 123 7.41 9.53 -28.89
C VAL E 123 6.85 10.76 -28.16
N THR E 124 5.63 11.21 -28.43
CA THR E 124 5.10 12.39 -27.75
C THR E 124 4.07 11.96 -26.70
N ILE E 125 4.37 12.23 -25.42
CA ILE E 125 3.44 12.03 -24.32
C ILE E 125 2.11 12.70 -24.67
N MET E 126 1.01 12.00 -24.40
CA MET E 126 -0.30 12.58 -24.60
C MET E 126 -1.16 12.35 -23.36
N PRO E 127 -2.24 13.11 -23.19
CA PRO E 127 -3.09 12.88 -22.01
C PRO E 127 -3.56 11.45 -21.83
N LYS E 128 -3.85 10.71 -22.89
CA LYS E 128 -4.27 9.33 -22.70
C LYS E 128 -3.17 8.50 -22.05
N ASP E 129 -1.90 8.78 -22.33
CA ASP E 129 -0.84 8.04 -21.65
C ASP E 129 -0.88 8.28 -20.14
N ILE E 130 -1.08 9.53 -19.72
CA ILE E 130 -1.16 9.84 -18.29
C ILE E 130 -2.41 9.21 -17.67
N GLN E 131 -3.55 9.33 -18.35
CA GLN E 131 -4.77 8.74 -17.81
C GLN E 131 -4.62 7.24 -17.65
N LEU E 132 -4.03 6.58 -18.64
CA LEU E 132 -3.91 5.13 -18.56
C LEU E 132 -2.92 4.71 -17.49
N ALA E 133 -1.80 5.42 -17.37
CA ALA E 133 -0.87 5.13 -16.28
C ALA E 133 -1.56 5.30 -14.93
N ARG E 134 -2.39 6.33 -14.78
CA ARG E 134 -3.08 6.53 -13.52
C ARG E 134 -3.99 5.35 -13.21
N ARG E 135 -4.75 4.91 -14.23
CA ARG E 135 -5.66 3.78 -14.04
C ARG E 135 -4.92 2.49 -13.67
N ILE E 136 -3.74 2.27 -14.25
CA ILE E 136 -3.06 1.03 -13.92
C ILE E 136 -2.39 1.10 -12.57
N ARG E 137 -1.91 2.27 -12.16
CA ARG E 137 -1.33 2.39 -10.82
C ARG E 137 -2.36 2.10 -9.73
N GLY E 138 -3.64 2.32 -10.02
CA GLY E 138 -4.70 2.19 -9.05
C GLY E 138 -5.32 3.52 -8.66
N GLU E 139 -4.74 4.64 -9.09
CA GLU E 139 -5.24 5.95 -8.65
C GLU E 139 -6.58 6.31 -9.26
N ARG E 140 -6.90 5.80 -10.45
CA ARG E 140 -8.26 6.01 -10.95
C ARG E 140 -8.82 4.72 -11.54
N ALA E 141 -8.32 3.57 -11.06
CA ALA E 141 -8.65 2.26 -11.61
C ALA E 141 -10.16 1.94 -11.60
N ARG F 23 0.74 40.03 -21.28
CA ARG F 23 -0.28 40.96 -20.79
C ARG F 23 -1.46 40.21 -20.16
N LYS F 24 -1.68 38.97 -20.59
CA LYS F 24 -2.72 38.15 -19.98
C LYS F 24 -2.38 37.92 -18.50
N VAL F 25 -3.41 37.99 -17.64
CA VAL F 25 -3.19 37.93 -16.20
C VAL F 25 -3.92 36.75 -15.58
N LEU F 26 -3.37 36.27 -14.47
CA LEU F 26 -3.78 35.00 -13.88
C LEU F 26 -5.02 35.16 -13.02
N ARG F 27 -6.00 34.28 -13.24
CA ARG F 27 -7.20 34.24 -12.43
C ARG F 27 -7.46 32.88 -11.81
N ASP F 28 -6.68 31.88 -12.19
CA ASP F 28 -6.68 30.59 -11.53
C ASP F 28 -5.25 30.32 -11.10
N ASN F 29 -5.06 29.97 -9.82
CA ASN F 29 -3.71 29.77 -9.29
C ASN F 29 -3.00 28.61 -9.95
N ILE F 30 -3.74 27.57 -10.34
CA ILE F 30 -3.15 26.41 -11.00
C ILE F 30 -2.44 26.84 -12.29
N GLN F 31 -2.81 28.00 -12.88
CA GLN F 31 -2.09 28.50 -14.06
C GLN F 31 -0.70 29.00 -13.71
N GLY F 32 -0.45 29.28 -12.43
CA GLY F 32 0.89 29.57 -11.97
C GLY F 32 1.83 28.40 -12.12
N ILE F 33 1.29 27.19 -12.29
CA ILE F 33 2.11 26.07 -12.69
C ILE F 33 2.34 26.24 -14.18
N THR F 34 3.46 26.84 -14.54
CA THR F 34 3.60 27.27 -15.91
C THR F 34 4.01 26.12 -16.79
N LYS F 35 3.75 26.29 -18.08
CA LYS F 35 4.19 25.37 -19.10
C LYS F 35 5.67 25.00 -18.88
N PRO F 36 6.62 25.95 -18.85
CA PRO F 36 8.02 25.54 -18.70
C PRO F 36 8.34 24.75 -17.41
N ALA F 37 7.66 25.03 -16.29
CA ALA F 37 7.81 24.18 -15.10
C ALA F 37 7.38 22.74 -15.37
N ILE F 38 6.25 22.57 -16.06
CA ILE F 38 5.78 21.24 -16.37
C ILE F 38 6.73 20.55 -17.32
N ARG F 39 7.34 21.28 -18.24
CA ARG F 39 8.28 20.63 -19.13
C ARG F 39 9.53 20.23 -18.37
N ARG F 40 9.90 20.98 -17.34
CA ARG F 40 11.07 20.57 -16.60
C ARG F 40 10.79 19.27 -15.85
N LEU F 41 9.61 19.19 -15.23
CA LEU F 41 9.22 17.93 -14.61
C LEU F 41 9.25 16.79 -15.63
N ALA F 42 8.64 16.99 -16.79
CA ALA F 42 8.63 15.94 -17.80
C ALA F 42 10.03 15.55 -18.25
N ARG F 43 10.93 16.53 -18.31
CA ARG F 43 12.31 16.22 -18.66
C ARG F 43 12.96 15.36 -17.58
N ARG F 44 12.75 15.70 -16.31
CA ARG F 44 13.24 14.84 -15.25
C ARG F 44 12.67 13.44 -15.38
N GLY F 45 11.43 13.30 -15.85
CA GLY F 45 10.88 12.00 -16.17
C GLY F 45 11.35 11.40 -17.47
N GLY F 46 12.33 12.03 -18.13
CA GLY F 46 12.89 11.49 -19.35
C GLY F 46 12.01 11.60 -20.57
N VAL F 47 11.01 12.48 -20.55
CA VAL F 47 10.07 12.61 -21.66
C VAL F 47 10.69 13.48 -22.75
N LYS F 48 10.71 12.98 -24.00
CA LYS F 48 11.43 13.74 -25.03
C LYS F 48 10.55 14.68 -25.84
N ARG F 49 9.33 14.28 -26.16
CA ARG F 49 8.44 15.12 -26.95
C ARG F 49 7.12 15.22 -26.21
N ILE F 50 6.54 16.40 -26.15
CA ILE F 50 5.39 16.67 -25.32
C ILE F 50 4.26 17.24 -26.17
N SER F 51 3.08 16.67 -26.04
CA SER F 51 1.90 17.23 -26.67
C SER F 51 1.47 18.46 -25.92
N GLY F 52 0.96 19.45 -26.67
CA GLY F 52 0.48 20.66 -26.04
C GLY F 52 -0.74 20.47 -25.16
N LEU F 53 -1.43 19.33 -25.29
CA LEU F 53 -2.55 19.06 -24.40
C LEU F 53 -2.09 18.57 -23.04
N ILE F 54 -0.78 18.35 -22.86
CA ILE F 54 -0.29 17.75 -21.63
C ILE F 54 -0.39 18.70 -20.45
N TYR F 55 -0.18 20.01 -20.65
CA TYR F 55 -0.04 20.90 -19.51
C TYR F 55 -1.32 21.01 -18.69
N GLU F 56 -2.48 21.08 -19.35
CA GLU F 56 -3.70 21.15 -18.55
C GLU F 56 -4.07 19.79 -17.95
N GLU F 57 -3.75 18.69 -18.63
CA GLU F 57 -3.91 17.38 -18.02
C GLU F 57 -3.10 17.26 -16.75
N THR F 58 -1.86 17.75 -16.80
CA THR F 58 -0.99 17.68 -15.63
C THR F 58 -1.51 18.58 -14.51
N ARG F 59 -2.01 19.76 -14.84
CA ARG F 59 -2.53 20.61 -13.78
C ARG F 59 -3.71 19.94 -13.09
N GLY F 60 -4.58 19.29 -13.86
CA GLY F 60 -5.69 18.57 -13.25
C GLY F 60 -5.22 17.50 -12.30
N VAL F 61 -4.23 16.71 -12.75
CA VAL F 61 -3.71 15.62 -11.90
C VAL F 61 -3.11 16.18 -10.63
N LEU F 62 -2.31 17.24 -10.75
CA LEU F 62 -1.68 17.86 -9.60
C LEU F 62 -2.72 18.42 -8.66
N LYS F 63 -3.74 19.07 -9.19
CA LYS F 63 -4.74 19.64 -8.31
C LYS F 63 -5.41 18.54 -7.49
N VAL F 64 -5.72 17.42 -8.12
CA VAL F 64 -6.37 16.34 -7.39
C VAL F 64 -5.44 15.79 -6.32
N PHE F 65 -4.17 15.60 -6.67
CA PHE F 65 -3.21 15.14 -5.66
C PHE F 65 -3.16 16.11 -4.48
N LEU F 66 -3.04 17.40 -4.77
CA LEU F 66 -2.97 18.38 -3.69
C LEU F 66 -4.25 18.42 -2.86
N GLU F 67 -5.41 18.33 -3.53
CA GLU F 67 -6.68 18.35 -2.79
C GLU F 67 -6.73 17.20 -1.81
N ASN F 68 -6.32 16.00 -2.23
CA ASN F 68 -6.40 14.87 -1.30
C ASN F 68 -5.42 15.02 -0.15
N VAL F 69 -4.15 15.33 -0.47
CA VAL F 69 -3.15 15.40 0.58
C VAL F 69 -3.47 16.54 1.55
N ILE F 70 -3.93 17.69 1.04
CA ILE F 70 -4.20 18.83 1.92
C ILE F 70 -5.43 18.56 2.77
N ARG F 71 -6.47 17.96 2.20
CA ARG F 71 -7.61 17.52 2.99
C ARG F 71 -7.13 16.70 4.18
N ASP F 72 -6.26 15.72 3.92
CA ASP F 72 -5.84 14.85 5.02
C ASP F 72 -4.95 15.60 6.02
N ALA F 73 -4.05 16.45 5.53
CA ALA F 73 -3.14 17.15 6.43
C ALA F 73 -3.92 18.11 7.32
N VAL F 74 -4.88 18.82 6.75
CA VAL F 74 -5.71 19.71 7.54
C VAL F 74 -6.52 18.93 8.56
N THR F 75 -6.98 17.72 8.19
CA THR F 75 -7.66 16.90 9.19
C THR F 75 -6.73 16.58 10.35
N TYR F 76 -5.47 16.25 10.05
CA TYR F 76 -4.52 16.03 11.15
C TYR F 76 -4.32 17.29 11.98
N THR F 77 -4.33 18.46 11.34
CA THR F 77 -4.18 19.73 12.05
C THR F 77 -5.37 19.97 12.98
N GLU F 78 -6.60 19.89 12.45
CA GLU F 78 -7.80 20.16 13.24
C GLU F 78 -8.04 19.10 14.30
N HIS F 79 -7.48 17.91 14.16
CA HIS F 79 -7.56 16.98 15.27
C HIS F 79 -6.63 17.35 16.42
N ALA F 80 -5.51 17.99 16.12
CA ALA F 80 -4.55 18.40 17.13
C ALA F 80 -4.92 19.72 17.81
N LYS F 81 -6.08 20.28 17.46
CA LYS F 81 -6.51 21.59 17.96
C LYS F 81 -5.43 22.61 17.68
N ARG F 82 -4.92 22.60 16.45
CA ARG F 82 -3.95 23.57 16.01
C ARG F 82 -4.51 24.37 14.84
N LYS F 83 -3.81 25.43 14.50
CA LYS F 83 -4.20 26.16 13.29
C LYS F 83 -2.99 26.41 12.40
N THR F 84 -1.89 25.71 12.64
CA THR F 84 -0.76 25.76 11.75
C THR F 84 -0.46 24.37 11.25
N VAL F 85 -0.61 24.15 9.95
CA VAL F 85 -0.22 22.89 9.36
C VAL F 85 1.28 22.76 9.47
N THR F 86 1.73 21.70 10.13
CA THR F 86 3.13 21.41 10.27
C THR F 86 3.56 20.46 9.15
N ALA F 87 4.89 20.31 9.01
CA ALA F 87 5.41 19.31 8.10
C ALA F 87 4.94 17.91 8.48
N MET F 88 4.85 17.60 9.78
CA MET F 88 4.43 16.25 10.14
C MET F 88 3.00 15.99 9.73
N ASP F 89 2.13 17.00 9.76
CA ASP F 89 0.80 16.81 9.20
C ASP F 89 0.89 16.33 7.76
N VAL F 90 1.76 16.97 6.96
CA VAL F 90 1.86 16.60 5.55
C VAL F 90 2.47 15.21 5.41
N VAL F 91 3.51 14.91 6.20
CA VAL F 91 4.12 13.58 6.16
C VAL F 91 3.10 12.51 6.49
N TYR F 92 2.29 12.73 7.54
CA TYR F 92 1.25 11.78 7.90
C TYR F 92 0.18 11.67 6.82
N ALA F 93 -0.17 12.78 6.19
CA ALA F 93 -1.15 12.71 5.11
C ALA F 93 -0.61 11.86 3.95
N LEU F 94 0.62 12.11 3.56
CA LEU F 94 1.22 11.32 2.48
C LEU F 94 1.27 9.85 2.85
N LYS F 95 1.64 9.57 4.12
CA LYS F 95 1.66 8.18 4.62
C LYS F 95 0.31 7.53 4.44
N ARG F 96 -0.73 8.28 4.67
CA ARG F 96 -2.07 7.74 4.57
C ARG F 96 -2.55 7.69 3.15
N GLN F 97 -1.77 8.24 2.21
CA GLN F 97 -2.02 8.00 0.79
C GLN F 97 -1.03 7.01 0.19
N GLY F 98 -0.31 6.26 1.02
CA GLY F 98 0.60 5.24 0.55
C GLY F 98 2.00 5.70 0.19
N ARG F 99 2.33 6.94 0.45
CA ARG F 99 3.62 7.52 0.10
C ARG F 99 4.39 7.85 1.37
N THR F 100 5.63 7.40 1.47
CA THR F 100 6.45 7.71 2.64
C THR F 100 7.45 8.79 2.26
N LEU F 101 7.38 9.92 2.95
CA LEU F 101 8.28 11.05 2.72
C LEU F 101 9.36 11.06 3.80
N TYR F 102 10.62 11.02 3.36
CA TYR F 102 11.77 11.08 4.25
C TYR F 102 12.32 12.50 4.27
N GLY F 103 12.84 12.90 5.43
CA GLY F 103 13.52 14.17 5.55
C GLY F 103 12.75 15.29 6.22
N PHE F 104 11.68 15.00 6.94
CA PHE F 104 11.01 16.09 7.64
C PHE F 104 10.53 15.73 9.03
N GLY F 105 11.09 14.71 9.66
CA GLY F 105 10.75 14.36 11.03
C GLY F 105 11.58 15.05 12.08
N GLY F 106 12.38 16.05 11.71
CA GLY F 106 13.32 16.66 12.61
C GLY F 106 12.71 17.54 13.69
N LYS G 19 -30.32 -4.25 29.43
CA LYS G 19 -29.49 -3.24 30.07
C LYS G 19 -28.11 -3.15 29.40
N THR G 20 -27.93 -3.88 28.29
CA THR G 20 -26.67 -3.87 27.51
C THR G 20 -26.25 -2.45 27.11
N ARG G 21 -24.94 -2.27 26.89
CA ARG G 21 -24.47 -1.02 26.31
C ARG G 21 -24.99 -0.82 24.89
N SER G 22 -25.14 -1.92 24.16
CA SER G 22 -25.75 -1.83 22.83
C SER G 22 -27.18 -1.34 22.91
N SER G 23 -27.94 -1.82 23.90
CA SER G 23 -29.34 -1.40 24.07
C SER G 23 -29.48 0.12 24.16
N ARG G 24 -28.78 0.73 25.10
CA ARG G 24 -28.94 2.18 25.25
C ARG G 24 -28.05 2.95 24.28
N ALA G 25 -27.33 2.23 23.43
CA ALA G 25 -26.72 2.87 22.28
C ALA G 25 -27.59 2.77 21.03
N GLY G 26 -28.59 1.90 21.04
CA GLY G 26 -29.47 1.74 19.89
C GLY G 26 -28.89 0.98 18.73
N LEU G 27 -28.00 0.02 19.00
CA LEU G 27 -27.28 -0.67 17.97
C LEU G 27 -27.44 -2.16 18.14
N GLN G 28 -27.21 -2.87 17.05
CA GLN G 28 -27.16 -4.32 17.07
C GLN G 28 -25.76 -4.83 17.35
N PHE G 29 -24.73 -4.07 16.95
CA PHE G 29 -23.36 -4.53 17.13
C PHE G 29 -22.98 -4.40 18.60
N PRO G 30 -22.17 -5.32 19.13
CA PRO G 30 -21.96 -5.41 20.58
C PRO G 30 -20.94 -4.40 21.10
N VAL G 31 -21.44 -3.33 21.74
CA VAL G 31 -20.56 -2.27 22.24
C VAL G 31 -19.52 -2.83 23.20
N GLY G 32 -19.91 -3.75 24.06
CA GLY G 32 -18.95 -4.33 24.98
C GLY G 32 -17.83 -5.08 24.30
N ARG G 33 -18.17 -5.91 23.31
CA ARG G 33 -17.14 -6.68 22.59
C ARG G 33 -16.18 -5.78 21.85
N VAL G 34 -16.68 -4.69 21.26
CA VAL G 34 -15.78 -3.75 20.59
C VAL G 34 -14.84 -3.13 21.63
N HIS G 35 -15.37 -2.77 22.79
CA HIS G 35 -14.50 -2.25 23.86
C HIS G 35 -13.40 -3.25 24.21
N ARG G 36 -13.76 -4.52 24.32
CA ARG G 36 -12.75 -5.52 24.68
C ARG G 36 -11.72 -5.66 23.58
N LEU G 37 -12.14 -5.68 22.32
CA LEU G 37 -11.21 -5.84 21.20
C LEU G 37 -10.29 -4.63 21.05
N LEU G 38 -10.76 -3.44 21.46
CA LEU G 38 -9.92 -2.24 21.49
C LEU G 38 -8.88 -2.31 22.59
N ARG G 39 -9.30 -2.70 23.80
CA ARG G 39 -8.33 -2.84 24.91
C ARG G 39 -7.34 -3.96 24.64
N LYS G 40 -7.80 -5.08 24.08
CA LYS G 40 -7.00 -6.27 23.90
C LYS G 40 -6.18 -6.25 22.61
N GLY G 41 -6.43 -5.29 21.72
CA GLY G 41 -5.79 -5.20 20.42
C GLY G 41 -4.48 -4.44 20.34
N ASN G 42 -3.98 -3.89 21.46
CA ASN G 42 -2.75 -3.08 21.47
C ASN G 42 -2.85 -1.87 20.54
N TYR G 43 -3.88 -1.05 20.79
CA TYR G 43 -4.01 0.22 20.12
C TYR G 43 -3.66 1.40 21.02
N SER G 44 -3.93 1.31 22.32
CA SER G 44 -3.61 2.42 23.20
C SER G 44 -3.74 1.93 24.62
N GLU G 45 -3.14 2.66 25.53
CA GLU G 45 -3.17 2.08 26.86
C GLU G 45 -4.56 2.23 27.50
N ARG G 46 -5.29 3.31 27.18
CA ARG G 46 -6.62 3.59 27.69
C ARG G 46 -7.61 3.71 26.55
N VAL G 47 -8.83 3.17 26.76
CA VAL G 47 -9.91 3.26 25.80
C VAL G 47 -11.03 4.04 26.46
N GLY G 48 -11.46 5.12 25.82
CA GLY G 48 -12.50 5.96 26.38
C GLY G 48 -13.87 5.31 26.32
N ALA G 49 -14.82 5.98 26.97
CA ALA G 49 -16.17 5.44 27.07
C ALA G 49 -16.92 5.51 25.75
N GLY G 50 -16.87 6.64 25.05
CA GLY G 50 -17.64 6.77 23.82
C GLY G 50 -17.04 6.08 22.62
N ALA G 51 -15.75 5.75 22.69
CA ALA G 51 -15.05 5.18 21.55
C ALA G 51 -15.65 3.85 21.09
N PRO G 52 -15.90 2.87 21.95
CA PRO G 52 -16.51 1.62 21.45
C PRO G 52 -17.92 1.83 20.97
N VAL G 53 -18.67 2.77 21.55
CA VAL G 53 -19.99 3.07 21.03
C VAL G 53 -19.89 3.54 19.59
N TYR G 54 -19.04 4.54 19.36
CA TYR G 54 -18.87 5.11 18.03
C TYR G 54 -18.36 4.05 17.04
N MSE G 55 -17.43 3.21 17.48
CA MSE G 55 -16.93 2.18 16.63
C MSE G 55 -18.04 1.20 16.25
O MSE G 55 -18.18 0.86 15.06
CB MSE G 55 -15.78 1.43 17.27
CG MSE G 55 -15.27 0.29 16.36
SE MSE G 55 -14.29 0.97 14.77
CE MSE G 55 -12.49 0.57 15.49
N ALA G 56 -18.79 0.72 17.24
CA ALA G 56 -19.88 -0.21 16.95
C ALA G 56 -20.90 0.45 16.02
N ALA G 57 -21.14 1.76 16.21
CA ALA G 57 -22.08 2.44 15.34
C ALA G 57 -21.61 2.46 13.91
N VAL G 58 -20.31 2.70 13.71
CA VAL G 58 -19.77 2.70 12.35
C VAL G 58 -19.80 1.29 11.76
N LEU G 59 -19.40 0.29 12.54
CA LEU G 59 -19.39 -1.08 12.03
C LEU G 59 -20.78 -1.49 11.59
N GLU G 60 -21.78 -1.16 12.40
CA GLU G 60 -23.16 -1.42 12.03
C GLU G 60 -23.55 -0.67 10.76
N TYR G 61 -23.22 0.62 10.68
CA TYR G 61 -23.62 1.36 9.49
C TYR G 61 -22.98 0.78 8.23
N MSE G 62 -21.72 0.38 8.32
CA MSE G 62 -20.96 -0.11 7.18
C MSE G 62 -21.50 -1.45 6.72
O MSE G 62 -21.69 -1.69 5.50
CB MSE G 62 -19.47 -0.19 7.54
CG MSE G 62 -18.75 1.14 7.55
SE MSE G 62 -18.69 1.80 5.73
CE MSE G 62 -19.14 3.65 6.00
N THR G 63 -21.74 -2.33 7.70
CA THR G 63 -22.43 -3.59 7.49
C THR G 63 -23.80 -3.37 6.87
N ALA G 64 -24.49 -2.33 7.32
CA ALA G 64 -25.83 -2.08 6.82
C ALA G 64 -25.79 -1.73 5.34
N GLU G 65 -24.98 -0.73 4.98
CA GLU G 65 -24.94 -0.30 3.57
C GLU G 65 -24.51 -1.44 2.67
N ILE G 66 -23.55 -2.26 3.12
CA ILE G 66 -23.05 -3.31 2.25
C ILE G 66 -24.09 -4.43 2.08
N LEU G 67 -24.85 -4.74 3.16
CA LEU G 67 -25.87 -5.79 3.04
C LEU G 67 -27.06 -5.27 2.24
N GLU G 68 -27.34 -3.98 2.35
CA GLU G 68 -28.38 -3.40 1.52
C GLU G 68 -28.04 -3.54 0.03
N LEU G 69 -26.83 -3.12 -0.38
CA LEU G 69 -26.45 -3.24 -1.78
C LEU G 69 -26.40 -4.70 -2.23
N ALA G 70 -25.80 -5.57 -1.42
CA ALA G 70 -25.65 -6.97 -1.82
C ALA G 70 -27.01 -7.65 -1.93
N GLY G 71 -27.95 -7.35 -1.03
CA GLY G 71 -29.29 -7.87 -1.18
C GLY G 71 -29.95 -7.38 -2.45
N ASN G 72 -29.76 -6.10 -2.79
CA ASN G 72 -30.30 -5.58 -4.04
C ASN G 72 -29.77 -6.37 -5.24
N ALA G 73 -28.48 -6.71 -5.23
CA ALA G 73 -27.96 -7.51 -6.33
C ALA G 73 -28.56 -8.91 -6.32
N ALA G 74 -28.70 -9.50 -5.13
CA ALA G 74 -29.35 -10.80 -5.03
C ALA G 74 -30.74 -10.76 -5.68
N ARG G 75 -31.48 -9.68 -5.46
CA ARG G 75 -32.79 -9.56 -6.07
C ARG G 75 -32.68 -9.33 -7.59
N ASP G 76 -31.67 -8.59 -8.05
CA ASP G 76 -31.51 -8.40 -9.48
C ASP G 76 -31.28 -9.73 -10.20
N ASN G 77 -30.65 -10.71 -9.53
CA ASN G 77 -30.51 -12.04 -10.08
C ASN G 77 -31.68 -12.93 -9.69
N LYS G 78 -32.77 -12.32 -9.18
CA LYS G 78 -33.96 -13.02 -8.69
C LYS G 78 -33.60 -14.24 -7.83
N LYS G 79 -32.67 -14.03 -6.89
CA LYS G 79 -32.33 -15.02 -5.88
C LYS G 79 -32.71 -14.47 -4.50
N THR G 80 -33.01 -15.37 -3.56
CA THR G 80 -33.35 -14.92 -2.22
C THR G 80 -32.16 -14.91 -1.28
N ARG G 81 -31.07 -15.54 -1.66
CA ARG G 81 -29.92 -15.75 -0.80
C ARG G 81 -28.71 -14.97 -1.31
N ILE G 82 -28.10 -14.18 -0.42
CA ILE G 82 -26.88 -13.49 -0.77
C ILE G 82 -25.73 -14.48 -0.85
N ILE G 83 -24.99 -14.41 -1.94
CA ILE G 83 -23.81 -15.25 -2.17
C ILE G 83 -22.64 -14.31 -2.46
N PRO G 84 -21.41 -14.82 -2.38
CA PRO G 84 -20.24 -13.95 -2.64
C PRO G 84 -20.29 -13.16 -3.92
N ARG G 85 -20.89 -13.72 -4.98
CA ARG G 85 -21.07 -12.96 -6.22
C ARG G 85 -21.86 -11.66 -5.98
N HIS G 86 -22.93 -11.73 -5.19
CA HIS G 86 -23.73 -10.53 -4.95
C HIS G 86 -22.94 -9.49 -4.20
N LEU G 87 -22.07 -9.92 -3.29
CA LEU G 87 -21.23 -8.98 -2.56
C LEU G 87 -20.21 -8.33 -3.49
N GLN G 88 -19.63 -9.12 -4.39
CA GLN G 88 -18.68 -8.57 -5.34
C GLN G 88 -19.33 -7.51 -6.21
N LEU G 89 -20.51 -7.81 -6.73
CA LEU G 89 -21.23 -6.83 -7.54
C LEU G 89 -21.55 -5.59 -6.72
N ALA G 90 -22.00 -5.78 -5.47
CA ALA G 90 -22.26 -4.65 -4.60
C ALA G 90 -21.04 -3.75 -4.50
N ILE G 91 -19.88 -4.34 -4.20
CA ILE G 91 -18.66 -3.55 -4.04
C ILE G 91 -18.34 -2.81 -5.33
N ARG G 92 -18.22 -3.55 -6.44
CA ARG G 92 -17.63 -2.90 -7.59
C ARG G 92 -18.62 -2.03 -8.34
N ASN G 93 -19.91 -2.12 -8.06
CA ASN G 93 -20.85 -1.23 -8.73
C ASN G 93 -21.05 0.09 -8.01
N ASP G 94 -20.56 0.23 -6.79
CA ASP G 94 -20.73 1.43 -5.97
C ASP G 94 -19.41 2.17 -5.93
N GLU G 95 -19.41 3.43 -6.42
CA GLU G 95 -18.16 4.19 -6.57
C GLU G 95 -17.35 4.19 -5.26
N GLU G 96 -17.99 4.56 -4.15
CA GLU G 96 -17.19 4.74 -2.94
C GLU G 96 -16.81 3.42 -2.28
N MSE G 97 -17.71 2.44 -2.26
CA MSE G 97 -17.33 1.12 -1.73
C MSE G 97 -16.18 0.55 -2.52
O MSE G 97 -15.15 0.12 -1.97
CB MSE G 97 -18.50 0.14 -1.80
CG MSE G 97 -19.35 0.13 -0.56
SE MSE G 97 -18.42 -0.46 1.05
CE MSE G 97 -20.06 -0.62 2.09
N ASN G 98 -16.35 0.56 -3.84
CA ASN G 98 -15.29 0.06 -4.68
C ASN G 98 -13.96 0.75 -4.39
N LYS G 99 -13.98 2.06 -4.14
CA LYS G 99 -12.71 2.72 -3.84
C LYS G 99 -12.19 2.31 -2.46
N LEU G 100 -13.08 2.15 -1.49
CA LEU G 100 -12.66 1.77 -0.14
C LEU G 100 -12.14 0.34 -0.10
N LEU G 101 -12.71 -0.56 -0.90
CA LEU G 101 -12.30 -1.97 -0.92
C LEU G 101 -11.54 -2.28 -2.21
N GLY G 102 -10.67 -1.33 -2.61
CA GLY G 102 -10.02 -1.45 -3.89
C GLY G 102 -8.98 -2.55 -3.97
N ARG G 103 -8.30 -2.83 -2.86
CA ARG G 103 -7.28 -3.88 -2.83
C ARG G 103 -7.80 -5.15 -2.18
N VAL G 104 -9.11 -5.38 -2.24
CA VAL G 104 -9.77 -6.48 -1.54
C VAL G 104 -10.25 -7.47 -2.58
N THR G 105 -9.96 -8.74 -2.32
CA THR G 105 -10.38 -9.86 -3.14
C THR G 105 -11.52 -10.58 -2.43
N ILE G 106 -12.60 -10.83 -3.14
CA ILE G 106 -13.77 -11.54 -2.62
C ILE G 106 -13.74 -12.96 -3.15
N ALA G 107 -13.40 -13.94 -2.31
CA ALA G 107 -13.34 -15.33 -2.78
C ALA G 107 -14.64 -15.73 -3.49
N GLN G 108 -14.47 -16.39 -4.63
CA GLN G 108 -15.55 -16.77 -5.54
C GLN G 108 -16.55 -15.63 -5.76
N GLY G 109 -16.01 -14.46 -6.05
CA GLY G 109 -16.82 -13.29 -6.35
C GLY G 109 -16.88 -13.00 -7.84
N GLY G 110 -15.92 -13.48 -8.64
CA GLY G 110 -15.95 -13.14 -10.05
C GLY G 110 -15.65 -11.65 -10.28
N VAL G 111 -15.91 -11.19 -11.50
CA VAL G 111 -15.59 -9.83 -11.93
C VAL G 111 -16.84 -9.19 -12.52
N LEU G 112 -16.81 -7.87 -12.65
CA LEU G 112 -17.91 -7.17 -13.33
C LEU G 112 -17.91 -7.49 -14.82
N PRO G 113 -19.05 -7.83 -15.40
CA PRO G 113 -19.12 -7.96 -16.87
C PRO G 113 -18.73 -6.65 -17.55
N ASN G 114 -17.68 -6.72 -18.35
CA ASN G 114 -17.17 -5.55 -19.04
C ASN G 114 -16.40 -6.00 -20.27
N ILE G 115 -16.91 -5.69 -21.45
CA ILE G 115 -16.21 -5.89 -22.72
C ILE G 115 -15.96 -4.53 -23.35
N GLN G 116 -14.71 -4.29 -23.75
CA GLN G 116 -14.35 -3.00 -24.30
C GLN G 116 -14.99 -2.80 -25.67
N ALA G 117 -15.37 -1.55 -25.95
CA ALA G 117 -16.19 -1.25 -27.13
C ALA G 117 -15.47 -1.65 -28.43
N VAL G 118 -14.19 -1.29 -28.54
CA VAL G 118 -13.37 -1.67 -29.69
C VAL G 118 -13.48 -3.16 -30.01
N LEU G 119 -13.81 -4.00 -29.02
CA LEU G 119 -13.86 -5.44 -29.24
C LEU G 119 -15.17 -5.97 -29.81
N LEU G 120 -16.26 -5.13 -29.92
CA LEU G 120 -17.34 -5.98 -30.43
C LEU G 120 -17.52 -5.74 -31.92
N PRO G 121 -18.01 -6.75 -32.66
CA PRO G 121 -17.93 -6.69 -34.13
C PRO G 121 -18.70 -5.51 -34.73
N LYS G 122 -18.21 -5.06 -35.89
CA LYS G 122 -18.81 -3.98 -36.68
C LYS G 122 -19.02 -2.71 -35.85
N ARG H 37 -15.97 -20.02 21.86
CA ARG H 37 -14.60 -20.49 21.84
C ARG H 37 -13.99 -20.16 20.50
N LYS H 38 -14.84 -19.86 19.51
CA LYS H 38 -14.37 -19.23 18.28
C LYS H 38 -15.44 -18.17 17.96
N GLU H 39 -15.14 -16.89 18.17
CA GLU H 39 -16.16 -15.86 17.98
C GLU H 39 -16.10 -15.16 16.63
N SER H 40 -17.25 -14.64 16.23
CA SER H 40 -17.36 -13.91 14.96
C SER H 40 -18.43 -12.84 15.11
N TYR H 41 -18.68 -12.12 14.02
CA TYR H 41 -19.76 -11.14 14.00
C TYR H 41 -21.03 -11.67 13.35
N SER H 42 -21.13 -12.99 13.15
CA SER H 42 -22.24 -13.52 12.36
C SER H 42 -23.60 -13.07 12.90
N ILE H 43 -23.84 -13.24 14.20
CA ILE H 43 -25.16 -12.94 14.75
C ILE H 43 -25.55 -11.50 14.45
N TYR H 44 -24.60 -10.59 14.54
CA TYR H 44 -24.88 -9.18 14.32
C TYR H 44 -25.08 -8.88 12.85
N VAL H 45 -24.26 -9.50 11.99
CA VAL H 45 -24.44 -9.32 10.57
C VAL H 45 -25.84 -9.74 10.16
N TYR H 46 -26.31 -10.86 10.73
CA TYR H 46 -27.62 -11.40 10.40
C TYR H 46 -28.73 -10.49 10.93
N LYS H 47 -28.56 -9.94 12.13
CA LYS H 47 -29.54 -8.97 12.62
C LYS H 47 -29.68 -7.80 11.65
N VAL H 48 -28.54 -7.23 11.23
CA VAL H 48 -28.63 -6.07 10.34
C VAL H 48 -29.18 -6.48 8.96
N LEU H 49 -28.82 -7.67 8.50
CA LEU H 49 -29.36 -8.19 7.25
C LEU H 49 -30.88 -8.28 7.30
N LYS H 50 -31.43 -8.80 8.41
CA LYS H 50 -32.88 -8.89 8.58
C LYS H 50 -33.52 -7.53 8.77
N GLN H 51 -32.75 -6.52 9.18
CA GLN H 51 -33.35 -5.19 9.26
C GLN H 51 -33.45 -4.57 7.87
N VAL H 52 -32.46 -4.79 6.99
CA VAL H 52 -32.45 -4.14 5.68
C VAL H 52 -32.98 -5.03 4.56
N HIS H 53 -32.98 -6.35 4.73
CA HIS H 53 -33.63 -7.22 3.76
C HIS H 53 -34.29 -8.38 4.51
N PRO H 54 -35.52 -8.20 5.01
CA PRO H 54 -36.10 -9.20 5.92
C PRO H 54 -36.35 -10.53 5.26
N ASP H 55 -36.62 -10.55 3.96
CA ASP H 55 -36.88 -11.78 3.23
C ASP H 55 -35.62 -12.44 2.69
N THR H 56 -34.45 -11.92 3.00
CA THR H 56 -33.20 -12.32 2.37
C THR H 56 -32.27 -13.09 3.30
N GLY H 57 -31.70 -14.18 2.79
CA GLY H 57 -30.74 -14.96 3.54
C GLY H 57 -29.34 -14.80 3.00
N ILE H 58 -28.44 -15.60 3.55
CA ILE H 58 -27.04 -15.47 3.18
C ILE H 58 -26.32 -16.79 3.37
N SER H 59 -25.58 -17.21 2.36
CA SER H 59 -24.90 -18.48 2.45
C SER H 59 -23.70 -18.39 3.39
N SER H 60 -23.20 -19.54 3.80
CA SER H 60 -22.13 -19.50 4.79
C SER H 60 -20.87 -18.85 4.20
N LYS H 61 -20.57 -19.11 2.91
CA LYS H 61 -19.43 -18.43 2.30
C LYS H 61 -19.63 -16.92 2.28
N ALA H 62 -20.83 -16.46 1.90
CA ALA H 62 -21.05 -15.02 1.98
C ALA H 62 -20.95 -14.52 3.42
N MSE H 63 -21.32 -15.33 4.40
CA MSE H 63 -21.14 -14.87 5.78
C MSE H 63 -19.65 -14.73 6.14
O MSE H 63 -19.25 -13.79 6.81
CB MSE H 63 -21.83 -15.78 6.77
CG MSE H 63 -21.71 -15.30 8.21
SE MSE H 63 -22.53 -13.56 8.56
CE MSE H 63 -24.40 -14.01 8.24
N GLY H 64 -18.83 -15.69 5.69
CA GLY H 64 -17.39 -15.56 5.84
C GLY H 64 -16.86 -14.27 5.25
N ILE H 65 -17.35 -13.92 4.05
CA ILE H 65 -16.95 -12.66 3.44
C ILE H 65 -17.33 -11.51 4.36
N MSE H 66 -18.55 -11.51 4.89
CA MSE H 66 -19.02 -10.45 5.81
C MSE H 66 -18.18 -10.32 7.09
O MSE H 66 -17.91 -9.21 7.60
CB MSE H 66 -20.47 -10.70 6.20
CG MSE H 66 -21.46 -10.34 5.11
SE MSE H 66 -21.16 -8.56 4.35
CE MSE H 66 -21.23 -7.42 5.97
N ASN H 67 -17.76 -11.46 7.61
CA ASN H 67 -16.93 -11.45 8.80
C ASN H 67 -15.56 -10.86 8.50
N SER H 68 -15.00 -11.24 7.36
CA SER H 68 -13.73 -10.64 6.95
C SER H 68 -13.89 -9.15 6.79
N PHE H 69 -14.99 -8.72 6.19
CA PHE H 69 -15.21 -7.30 5.95
C PHE H 69 -15.24 -6.53 7.26
N VAL H 70 -15.97 -7.03 8.25
CA VAL H 70 -16.10 -6.29 9.50
C VAL H 70 -14.77 -6.28 10.24
N ASN H 71 -14.02 -7.38 10.20
CA ASN H 71 -12.71 -7.33 10.85
C ASN H 71 -11.79 -6.36 10.14
N ASP H 72 -11.92 -6.27 8.83
CA ASP H 72 -11.06 -5.35 8.09
C ASP H 72 -11.40 -3.91 8.42
N ILE H 73 -12.69 -3.57 8.39
CA ILE H 73 -13.08 -2.21 8.73
C ILE H 73 -12.66 -1.86 10.16
N PHE H 74 -12.88 -2.79 11.09
CA PHE H 74 -12.48 -2.50 12.47
C PHE H 74 -10.98 -2.29 12.56
N GLU H 75 -10.19 -3.16 11.92
CA GLU H 75 -8.74 -3.05 12.02
C GLU H 75 -8.24 -1.74 11.44
N ARG H 76 -8.79 -1.33 10.31
CA ARG H 76 -8.42 -0.05 9.72
C ARG H 76 -8.74 1.12 10.66
N ILE H 77 -9.99 1.23 11.12
CA ILE H 77 -10.36 2.38 11.95
C ILE H 77 -9.53 2.41 13.22
N ALA H 78 -9.40 1.26 13.89
CA ALA H 78 -8.65 1.22 15.13
C ALA H 78 -7.19 1.57 14.91
N GLY H 79 -6.60 1.09 13.80
CA GLY H 79 -5.22 1.45 13.51
C GLY H 79 -5.04 2.94 13.34
N GLU H 80 -5.92 3.56 12.55
CA GLU H 80 -5.76 5.01 12.37
C GLU H 80 -6.00 5.79 13.66
N ALA H 81 -6.94 5.32 14.50
CA ALA H 81 -7.19 6.02 15.75
C ALA H 81 -5.99 5.89 16.68
N SER H 82 -5.42 4.69 16.76
CA SER H 82 -4.19 4.47 17.52
C SER H 82 -3.08 5.42 17.08
N ARG H 83 -2.90 5.59 15.78
CA ARG H 83 -1.86 6.49 15.33
C ARG H 83 -2.17 7.94 15.68
N LEU H 84 -3.44 8.34 15.55
CA LEU H 84 -3.83 9.70 15.94
C LEU H 84 -3.51 9.97 17.41
N ALA H 85 -3.87 9.03 18.29
CA ALA H 85 -3.55 9.19 19.70
C ALA H 85 -2.03 9.23 19.93
N HIS H 86 -1.27 8.43 19.21
CA HIS H 86 0.20 8.50 19.35
C HIS H 86 0.75 9.86 18.89
N TYR H 87 0.31 10.37 17.73
CA TYR H 87 0.87 11.61 17.21
C TYR H 87 0.67 12.76 18.17
N ASN H 88 -0.44 12.76 18.91
CA ASN H 88 -0.74 13.85 19.83
C ASN H 88 -0.38 13.51 21.27
N LYS H 89 0.40 12.46 21.48
CA LYS H 89 0.98 12.11 22.78
C LYS H 89 -0.10 11.94 23.82
N ARG H 90 -1.27 11.47 23.40
CA ARG H 90 -2.36 11.09 24.30
C ARG H 90 -2.43 9.57 24.40
N SER H 91 -2.84 9.09 25.58
CA SER H 91 -2.86 7.66 25.84
C SER H 91 -4.26 7.07 25.76
N THR H 92 -5.25 7.91 25.49
CA THR H 92 -6.63 7.47 25.43
C THR H 92 -7.14 7.59 24.00
N ILE H 93 -7.73 6.50 23.52
CA ILE H 93 -8.49 6.51 22.29
C ILE H 93 -9.93 6.87 22.67
N THR H 94 -10.37 8.06 22.28
CA THR H 94 -11.73 8.48 22.54
C THR H 94 -12.56 8.44 21.26
N SER H 95 -13.86 8.72 21.39
CA SER H 95 -14.67 8.80 20.18
C SER H 95 -14.17 9.89 19.24
N ARG H 96 -13.46 10.89 19.76
CA ARG H 96 -12.92 11.91 18.89
C ARG H 96 -11.89 11.32 17.91
N GLU H 97 -10.97 10.48 18.42
CA GLU H 97 -10.03 9.82 17.53
C GLU H 97 -10.75 8.88 16.55
N ILE H 98 -11.80 8.20 17.01
CA ILE H 98 -12.57 7.36 16.10
C ILE H 98 -13.14 8.19 14.96
N GLN H 99 -13.72 9.34 15.29
CA GLN H 99 -14.37 10.17 14.29
C GLN H 99 -13.34 10.72 13.30
N THR H 100 -12.17 11.11 13.80
CA THR H 100 -11.14 11.56 12.88
C THR H 100 -10.67 10.39 12.01
N ALA H 101 -10.57 9.19 12.59
CA ALA H 101 -10.12 8.02 11.85
C ALA H 101 -11.08 7.68 10.73
N VAL H 102 -12.38 7.85 11.01
CA VAL H 102 -13.40 7.72 9.98
C VAL H 102 -13.24 8.79 8.92
N ARG H 103 -13.02 10.03 9.34
CA ARG H 103 -12.98 11.09 8.34
C ARG H 103 -11.76 10.95 7.46
N LEU H 104 -10.71 10.27 7.94
CA LEU H 104 -9.54 10.02 7.11
C LEU H 104 -9.69 8.75 6.26
N LEU H 105 -10.29 7.68 6.78
CA LEU H 105 -10.30 6.43 6.02
C LEU H 105 -11.54 6.22 5.15
N LEU H 106 -12.72 6.82 5.49
CA LEU H 106 -13.80 6.49 4.58
C LEU H 106 -13.96 7.56 3.52
N PRO H 107 -14.46 7.20 2.34
CA PRO H 107 -14.62 8.18 1.26
C PRO H 107 -15.91 8.97 1.36
N GLY H 108 -15.82 10.30 1.35
CA GLY H 108 -16.95 11.15 1.03
C GLY H 108 -18.24 10.87 1.79
N GLU H 109 -19.25 10.40 1.06
CA GLU H 109 -20.58 10.20 1.63
C GLU H 109 -20.58 9.12 2.71
N LEU H 110 -19.79 8.06 2.52
CA LEU H 110 -19.70 7.04 3.55
C LEU H 110 -19.21 7.64 4.86
N ALA H 111 -18.21 8.52 4.78
CA ALA H 111 -17.73 9.16 6.00
C ALA H 111 -18.77 10.10 6.58
N LYS H 112 -19.52 10.77 5.71
CA LYS H 112 -20.51 11.74 6.19
C LYS H 112 -21.61 11.02 6.97
N HIS H 113 -22.17 9.99 6.37
CA HIS H 113 -23.11 9.11 7.04
C HIS H 113 -22.51 8.47 8.29
N ALA H 114 -21.27 7.98 8.20
CA ALA H 114 -20.69 7.23 9.30
C ALA H 114 -20.51 8.11 10.51
N VAL H 115 -20.10 9.36 10.30
CA VAL H 115 -19.93 10.26 11.44
C VAL H 115 -21.28 10.64 12.00
N SER H 116 -22.28 10.80 11.14
CA SER H 116 -23.62 11.06 11.66
C SER H 116 -24.05 9.94 12.59
N GLU H 117 -23.89 8.69 12.16
CA GLU H 117 -24.37 7.58 12.96
C GLU H 117 -23.58 7.44 14.25
N GLY H 118 -22.28 7.68 14.20
CA GLY H 118 -21.50 7.57 15.42
C GLY H 118 -21.83 8.66 16.42
N THR H 119 -21.97 9.90 15.94
CA THR H 119 -22.38 10.98 16.82
C THR H 119 -23.72 10.67 17.46
N LYS H 120 -24.69 10.21 16.65
CA LYS H 120 -26.02 9.94 17.20
C LYS H 120 -25.99 8.78 18.20
N ALA H 121 -25.24 7.72 17.92
CA ALA H 121 -25.17 6.63 18.88
C ALA H 121 -24.55 7.09 20.19
N VAL H 122 -23.49 7.90 20.12
CA VAL H 122 -22.83 8.25 21.38
C VAL H 122 -23.68 9.24 22.16
N THR H 123 -24.33 10.19 21.47
CA THR H 123 -25.25 11.10 22.15
C THR H 123 -26.35 10.33 22.83
N LYS H 124 -26.96 9.40 22.12
CA LYS H 124 -28.06 8.65 22.70
C LYS H 124 -27.60 7.72 23.81
N TYR H 125 -26.32 7.35 23.83
CA TYR H 125 -25.79 6.56 24.93
C TYR H 125 -25.55 7.43 26.17
N THR H 126 -25.13 8.69 25.94
CA THR H 126 -24.83 9.63 27.04
C THR H 126 -26.04 9.89 27.92
N SER H 127 -27.24 9.84 27.35
CA SER H 127 -28.47 10.10 28.07
C SER H 127 -28.92 8.93 28.96
N ALA H 128 -28.01 8.01 29.32
CA ALA H 128 -28.32 6.92 30.23
C ALA H 128 -29.47 6.06 29.68
#